data_5Y1X
#
_entry.id   5Y1X
#
_cell.length_a   75.723
_cell.length_b   109.623
_cell.length_c   113.134
_cell.angle_alpha   90.000
_cell.angle_beta   90.000
_cell.angle_gamma   90.000
#
_symmetry.space_group_name_H-M   'P 21 21 21'
#
loop_
_entity.id
_entity.type
_entity.pdbx_description
1 polymer 'M1 family aminopeptidase'
2 non-polymer 'ZINC ION'
3 non-polymer 'MAGNESIUM ION'
4 non-polymer ACTINONIN
5 non-polymer GLYCEROL
6 water water
#
_entity_poly.entity_id   1
_entity_poly.type   'polypeptide(L)'
_entity_poly.pdbx_seq_one_letter_code
;MGSSHHHHHHSSGLVPRGSHMASEPKIHYRKDYKPSGFIINNVTLNINIHDNETIVRSVLDMDISKHNVGEDLVFDGVGL
KINEISINNKKLVEGEEYTYDNEFLTIFSKFVPKSKFAFSSEVIIHPETNYALTGLYKSKNIIVSQCEATGFRRITFFID
RPDMMAKYDVTVTADKEKYPVLLSNGDKVNEFEIPGGRHGARFNDPHLKPCYLFAVVAGDLKHLSATYITKYTKKKVELY
VFSEEKYVSKLQWALECLKKSMAFDEDYFGLEYDLSRLNLVAVSDFNVGAMENKGLNIFNANSLLASKKNSIDFSYARIL
TVVGHEYFHNYTGNRVTLRDWFQLTLKEGLTVHRENLFSEEMTKTVTTRLSHVDLLRSVQFLEDSSPLSHPIRPESYVSM
ENFYTTTVYDKGSEVMRMYLTILGEEYYKKGFDIYIKKNDGNTATCEDFNYAMEQAYKMKKADNSANLNQYLLWFSQSGT
PHVSFKYNYDAEKKQYSIHVNQYTKPDENQKEKKPLFIPISVGLINPENGKEMISQTTLELTKESDTFVFNNIAVKPIPS
LFRGFSAPVYIEDNLTDEERILLLKYDSDAFVRYNSCTNIYMKQILMNYNEFLKAKNEKLESFNLTPVNAQFIDAIKYLL
EDPHADAGFKSYIVSLPQDRYIINFVSNLDTDVLADTKEYIYKQIGDKLNDVYYKMFKSLEAKADDLTYFNDESHVDFDQ
MNMRTLRNTLLSLLSKAQYPNILNEIIEHSKSPYPSNWLTSLSVSAYFDKYFELYDKTYKLSKDDELLLQEWLKTVSRSD
RKDIYEILKKLENEVLKDSKNPNDIRAVYLPFTNNLRRFHDISGKGYKLIAEVITKTDKFNPMVATQLCEPFKLWNKLDT
KRQELMLNEMNTMLQEPNISNNLKEYLLRLTNKL
;
_entity_poly.pdbx_strand_id   A
#
loop_
_chem_comp.id
_chem_comp.type
_chem_comp.name
_chem_comp.formula
BB2 non-polymer ACTINONIN 'C19 H35 N3 O5'
GOL non-polymer GLYCEROL 'C3 H8 O3'
MG non-polymer 'MAGNESIUM ION' 'Mg 2'
ZN non-polymer 'ZINC ION' 'Zn 2'
#
# COMPACT_ATOMS: atom_id res chain seq x y z
N GLU A 24 -10.62 18.97 11.12
CA GLU A 24 -12.07 19.43 11.24
C GLU A 24 -12.44 20.86 10.68
N PRO A 25 -11.64 21.47 9.74
CA PRO A 25 -12.24 22.71 9.20
C PRO A 25 -13.45 22.45 8.25
N LYS A 26 -13.30 22.72 6.95
CA LYS A 26 -14.38 22.53 5.98
C LYS A 26 -14.49 21.02 5.71
N ILE A 27 -15.73 20.52 5.68
CA ILE A 27 -16.00 19.09 5.51
C ILE A 27 -16.73 18.90 4.14
N HIS A 28 -16.07 18.22 3.21
CA HIS A 28 -16.65 17.98 1.90
C HIS A 28 -17.41 16.68 1.90
N TYR A 29 -18.62 16.69 1.34
CA TYR A 29 -19.58 15.60 1.34
C TYR A 29 -19.83 15.03 -0.08
N ARG A 30 -20.03 13.71 -0.19
CA ARG A 30 -19.99 13.06 -1.51
C ARG A 30 -21.22 13.39 -2.34
N LYS A 31 -22.37 13.53 -1.71
CA LYS A 31 -23.61 13.80 -2.44
C LYS A 31 -23.68 15.25 -2.94
N ASP A 32 -22.85 16.13 -2.38
CA ASP A 32 -22.76 17.55 -2.80
C ASP A 32 -22.07 17.77 -4.16
N TYR A 33 -21.44 16.76 -4.81
CA TYR A 33 -20.75 16.97 -6.11
C TYR A 33 -21.58 17.75 -7.14
N LYS A 34 -20.99 18.83 -7.64
CA LYS A 34 -21.53 19.60 -8.76
C LYS A 34 -20.39 19.97 -9.67
N PRO A 35 -20.59 19.90 -11.00
CA PRO A 35 -19.55 20.42 -11.92
C PRO A 35 -19.30 21.91 -11.76
N SER A 36 -18.09 22.31 -12.03
CA SER A 36 -17.69 23.70 -11.96
C SER A 36 -18.54 24.57 -12.91
N GLY A 37 -18.78 25.81 -12.46
CA GLY A 37 -19.13 26.88 -13.38
C GLY A 37 -18.16 27.31 -14.42
N PHE A 38 -16.93 26.77 -14.42
CA PHE A 38 -15.86 27.19 -15.33
C PHE A 38 -15.25 26.00 -16.03
N ILE A 39 -14.52 26.28 -17.09
CA ILE A 39 -13.76 25.31 -17.88
C ILE A 39 -12.33 25.84 -18.04
N ILE A 40 -11.31 24.98 -17.89
CA ILE A 40 -9.92 25.33 -18.21
C ILE A 40 -9.57 24.41 -19.35
N ASN A 41 -9.27 24.95 -20.53
CA ASN A 41 -9.03 24.12 -21.69
C ASN A 41 -7.57 23.93 -21.98
N ASN A 42 -6.76 24.93 -21.74
CA ASN A 42 -5.32 24.84 -21.84
C ASN A 42 -4.59 25.52 -20.71
N VAL A 43 -3.40 25.01 -20.43
CA VAL A 43 -2.52 25.49 -19.42
C VAL A 43 -1.17 25.69 -20.06
N THR A 44 -0.68 26.92 -20.04
CA THR A 44 0.65 27.20 -20.56
C THR A 44 1.50 27.77 -19.44
N LEU A 45 2.51 27.01 -19.03
CA LEU A 45 3.33 27.27 -17.86
C LEU A 45 4.72 27.61 -18.31
N ASN A 46 5.31 28.59 -17.58
CA ASN A 46 6.73 28.77 -17.56
C ASN A 46 7.17 28.66 -16.11
N ILE A 47 8.20 27.80 -15.83
CA ILE A 47 8.69 27.54 -14.50
C ILE A 47 10.15 27.84 -14.48
N ASN A 48 10.54 28.97 -13.90
CA ASN A 48 11.91 29.39 -13.94
C ASN A 48 12.49 29.21 -12.59
N ILE A 49 13.41 28.28 -12.50
CA ILE A 49 14.08 27.90 -11.26
C ILE A 49 15.35 28.68 -11.00
N HIS A 50 15.40 29.31 -9.81
CA HIS A 50 16.57 29.96 -9.26
C HIS A 50 16.92 29.41 -7.88
N ASP A 51 18.12 29.75 -7.40
CA ASP A 51 18.58 29.22 -6.14
C ASP A 51 17.57 29.48 -5.00
N ASN A 52 17.07 30.72 -4.90
CA ASN A 52 16.33 31.12 -3.74
C ASN A 52 14.90 31.50 -4.06
N GLU A 53 14.47 31.12 -5.25
CA GLU A 53 13.07 31.37 -5.69
C GLU A 53 12.86 30.63 -7.00
N THR A 54 11.61 30.25 -7.21
CA THR A 54 11.17 29.75 -8.49
C THR A 54 9.97 30.57 -8.89
N ILE A 55 9.98 31.04 -10.13
CA ILE A 55 8.92 31.91 -10.62
C ILE A 55 8.08 31.12 -11.56
N VAL A 56 6.75 31.16 -11.41
CA VAL A 56 5.90 30.37 -12.20
C VAL A 56 4.89 31.30 -12.83
N ARG A 57 4.97 31.42 -14.15
CA ARG A 57 4.03 32.17 -14.97
C ARG A 57 3.05 31.21 -15.63
N SER A 58 1.74 31.51 -15.57
CA SER A 58 0.76 30.58 -16.00
C SER A 58 -0.39 31.28 -16.72
N VAL A 59 -0.63 30.81 -17.92
CA VAL A 59 -1.85 31.23 -18.65
C VAL A 59 -2.85 30.13 -18.70
N LEU A 60 -4.06 30.40 -18.22
CA LEU A 60 -5.15 29.44 -18.31
C LEU A 60 -6.05 29.95 -19.38
N ASP A 61 -6.24 29.15 -20.45
CA ASP A 61 -7.28 29.50 -21.43
C ASP A 61 -8.61 28.92 -20.98
N MET A 62 -9.57 29.75 -20.56
CA MET A 62 -10.66 29.36 -19.77
C MET A 62 -11.97 29.68 -20.49
N ASP A 63 -13.06 29.14 -20.03
CA ASP A 63 -14.39 29.49 -20.57
C ASP A 63 -15.37 29.29 -19.43
N ILE A 64 -16.60 29.67 -19.67
CA ILE A 64 -17.69 29.55 -18.77
C ILE A 64 -18.46 28.24 -19.08
N SER A 65 -18.75 27.44 -18.06
CA SER A 65 -19.53 26.21 -18.30
C SER A 65 -21.06 26.47 -18.33
N LYS A 66 -21.80 25.48 -18.78
CA LYS A 66 -23.27 25.56 -18.76
C LYS A 66 -23.86 25.52 -17.35
N HIS A 67 -23.03 25.22 -16.33
CA HIS A 67 -23.48 25.21 -14.92
C HIS A 67 -23.31 26.56 -14.25
N ASN A 68 -22.64 27.48 -14.95
CA ASN A 68 -22.30 28.78 -14.41
C ASN A 68 -23.61 29.55 -14.10
N VAL A 69 -23.63 30.21 -12.96
CA VAL A 69 -24.73 31.07 -12.53
C VAL A 69 -24.20 32.48 -12.15
N GLY A 70 -23.13 32.93 -12.79
CA GLY A 70 -22.48 34.21 -12.51
C GLY A 70 -21.77 34.36 -11.18
N GLU A 71 -21.19 33.28 -10.71
CA GLU A 71 -20.47 33.25 -9.45
C GLU A 71 -19.11 33.92 -9.64
N ASP A 72 -18.54 34.40 -8.53
CA ASP A 72 -17.13 34.71 -8.43
C ASP A 72 -16.29 33.53 -8.99
N LEU A 73 -15.15 33.84 -9.60
CA LEU A 73 -14.20 32.85 -10.09
C LEU A 73 -13.18 32.67 -8.96
N VAL A 74 -13.15 31.45 -8.43
CA VAL A 74 -12.35 31.20 -7.27
C VAL A 74 -11.32 30.10 -7.64
N PHE A 75 -10.05 30.46 -7.46
CA PHE A 75 -8.96 29.53 -7.67
C PHE A 75 -8.38 29.12 -6.35
N ASP A 76 -7.96 27.86 -6.31
CA ASP A 76 -7.11 27.38 -5.27
C ASP A 76 -5.69 27.85 -5.49
N GLY A 77 -5.04 28.26 -4.38
CA GLY A 77 -3.64 28.66 -4.49
C GLY A 77 -3.08 28.85 -3.09
N VAL A 78 -2.11 28.02 -2.67
CA VAL A 78 -1.71 27.88 -1.29
C VAL A 78 -0.23 28.29 -1.14
N GLY A 79 -0.02 29.36 -0.41
CA GLY A 79 1.34 29.87 -0.15
C GLY A 79 2.04 30.50 -1.30
N LEU A 80 1.26 31.02 -2.25
CA LEU A 80 1.81 31.68 -3.43
C LEU A 80 2.06 33.18 -3.13
N LYS A 81 3.18 33.68 -3.62
CA LYS A 81 3.45 35.12 -3.57
C LYS A 81 3.11 35.68 -4.93
N ILE A 82 2.08 36.55 -5.01
CA ILE A 82 1.56 37.09 -6.28
C ILE A 82 2.45 38.21 -6.80
N ASN A 83 3.03 37.98 -7.99
CA ASN A 83 3.66 39.07 -8.82
C ASN A 83 2.61 39.82 -9.68
N GLU A 84 1.73 39.10 -10.34
CA GLU A 84 0.76 39.74 -11.20
C GLU A 84 -0.43 38.82 -11.47
N ILE A 85 -1.56 39.41 -11.80
CA ILE A 85 -2.78 38.74 -12.11
C ILE A 85 -3.45 39.59 -13.20
N SER A 86 -3.93 38.91 -14.23
CA SER A 86 -4.67 39.59 -15.30
C SER A 86 -5.72 38.74 -15.97
N ILE A 87 -6.77 39.36 -16.53
CA ILE A 87 -7.66 38.68 -17.46
C ILE A 87 -7.67 39.44 -18.79
N ASN A 88 -7.46 38.72 -19.88
CA ASN A 88 -7.40 39.30 -21.25
C ASN A 88 -6.47 40.52 -21.32
N ASN A 89 -5.29 40.39 -20.69
CA ASN A 89 -4.26 41.43 -20.73
CA ASN A 89 -4.24 41.41 -20.62
C ASN A 89 -4.62 42.68 -19.88
N LYS A 90 -5.68 42.60 -19.10
CA LYS A 90 -5.99 43.68 -18.17
C LYS A 90 -5.63 43.27 -16.75
N LYS A 91 -4.76 44.06 -16.14
CA LYS A 91 -4.23 43.82 -14.81
C LYS A 91 -5.36 43.95 -13.85
N LEU A 92 -5.43 43.04 -12.89
CA LEU A 92 -6.44 43.04 -11.87
C LEU A 92 -5.71 43.35 -10.58
N VAL A 93 -6.41 44.01 -9.71
CA VAL A 93 -5.84 44.55 -8.51
C VAL A 93 -6.43 44.06 -7.19
N GLU A 94 -5.59 43.85 -6.20
CA GLU A 94 -6.03 43.38 -4.91
C GLU A 94 -7.01 44.36 -4.23
N GLY A 95 -8.08 43.86 -3.67
CA GLY A 95 -9.04 44.70 -2.98
C GLY A 95 -10.16 45.07 -3.94
N GLU A 96 -9.81 45.58 -5.11
CA GLU A 96 -10.81 46.05 -6.08
C GLU A 96 -11.41 44.96 -6.96
N GLU A 97 -10.52 44.13 -7.51
CA GLU A 97 -10.92 43.10 -8.45
C GLU A 97 -10.73 41.69 -7.90
N TYR A 98 -9.80 41.51 -6.97
CA TYR A 98 -9.54 40.20 -6.41
C TYR A 98 -9.17 40.28 -4.96
N THR A 99 -9.40 39.17 -4.22
CA THR A 99 -8.84 39.02 -2.89
C THR A 99 -8.03 37.74 -2.88
N TYR A 100 -6.96 37.70 -2.10
CA TYR A 100 -6.23 36.43 -1.94
C TYR A 100 -5.88 36.25 -0.47
N ASP A 101 -6.23 35.12 0.14
CA ASP A 101 -6.06 34.91 1.58
C ASP A 101 -5.02 33.83 1.91
N ASN A 102 -4.12 33.55 0.96
CA ASN A 102 -3.19 32.50 1.05
C ASN A 102 -3.68 31.09 0.84
N GLU A 103 -4.94 30.95 0.45
CA GLU A 103 -5.55 29.67 0.19
C GLU A 103 -6.46 29.76 -1.01
N PHE A 104 -7.29 30.78 -1.11
CA PHE A 104 -8.13 31.01 -2.29
C PHE A 104 -7.91 32.38 -2.90
N LEU A 105 -7.82 32.44 -4.22
CA LEU A 105 -7.91 33.67 -4.96
C LEU A 105 -9.34 33.84 -5.54
N THR A 106 -9.99 34.93 -5.12
CA THR A 106 -11.35 35.29 -5.59
C THR A 106 -11.36 36.45 -6.57
N ILE A 107 -11.76 36.19 -7.80
CA ILE A 107 -11.94 37.26 -8.82
C ILE A 107 -13.42 37.56 -8.76
N PHE A 108 -13.80 38.79 -8.38
CA PHE A 108 -15.23 39.08 -8.28
C PHE A 108 -15.95 39.00 -9.63
N SER A 109 -17.17 38.46 -9.59
CA SER A 109 -17.86 38.11 -10.84
C SER A 109 -17.98 39.25 -11.84
N LYS A 110 -18.07 40.46 -11.35
CA LYS A 110 -18.33 41.57 -12.25
C LYS A 110 -17.13 41.77 -13.16
N PHE A 111 -15.95 41.23 -12.80
CA PHE A 111 -14.78 41.28 -13.66
C PHE A 111 -14.45 39.95 -14.34
N VAL A 112 -15.31 38.96 -14.20
CA VAL A 112 -15.06 37.66 -14.88
C VAL A 112 -15.82 37.65 -16.21
N PRO A 113 -15.12 37.45 -17.32
CA PRO A 113 -15.80 37.43 -18.60
C PRO A 113 -16.88 36.38 -18.70
N LYS A 114 -17.72 36.55 -19.72
CA LYS A 114 -18.81 35.62 -19.97
C LYS A 114 -18.60 34.74 -21.23
N SER A 115 -17.43 34.81 -21.87
CA SER A 115 -17.04 33.84 -22.87
C SER A 115 -15.54 33.57 -22.75
N LYS A 116 -14.98 32.82 -23.68
CA LYS A 116 -13.55 32.41 -23.62
C LYS A 116 -12.69 33.59 -23.16
N PHE A 117 -11.75 33.34 -22.28
CA PHE A 117 -10.88 34.40 -21.77
C PHE A 117 -9.58 33.77 -21.31
N ALA A 118 -8.54 34.60 -21.20
CA ALA A 118 -7.16 34.12 -20.81
C ALA A 118 -6.88 34.70 -19.43
N PHE A 119 -6.70 33.82 -18.46
CA PHE A 119 -6.32 34.24 -17.11
C PHE A 119 -4.83 34.05 -17.01
N SER A 120 -4.11 35.07 -16.53
CA SER A 120 -2.63 34.99 -16.38
C SER A 120 -2.23 35.30 -14.99
N SER A 121 -1.23 34.57 -14.48
CA SER A 121 -0.69 34.88 -13.18
C SER A 121 0.74 34.56 -13.21
N GLU A 122 1.46 35.29 -12.38
CA GLU A 122 2.81 34.99 -12.06
C GLU A 122 2.96 34.98 -10.55
N VAL A 123 3.64 33.95 -10.02
CA VAL A 123 3.80 33.77 -8.58
C VAL A 123 5.25 33.35 -8.35
N ILE A 124 5.67 33.48 -7.08
CA ILE A 124 6.97 33.05 -6.58
C ILE A 124 6.66 31.97 -5.53
N ILE A 125 7.44 30.89 -5.63
CA ILE A 125 7.41 29.74 -4.68
C ILE A 125 8.83 29.40 -4.34
N HIS A 126 9.01 28.52 -3.39
CA HIS A 126 10.37 28.24 -2.81
C HIS A 126 10.54 26.75 -2.53
N PRO A 127 10.87 25.99 -3.56
CA PRO A 127 10.95 24.58 -3.39
C PRO A 127 12.11 24.27 -2.44
N GLU A 128 13.11 25.17 -2.38
CA GLU A 128 14.27 24.92 -1.51
C GLU A 128 13.97 24.86 -0.02
N THR A 129 12.83 25.37 0.39
CA THR A 129 12.41 25.36 1.79
C THR A 129 11.07 24.60 1.99
N ASN A 130 10.68 23.83 1.01
CA ASN A 130 9.47 23.03 1.07
C ASN A 130 9.79 21.61 1.58
N TYR A 131 9.66 21.42 2.90
CA TYR A 131 10.09 20.15 3.46
C TYR A 131 8.87 19.24 3.61
N ALA A 132 7.68 19.69 3.18
CA ALA A 132 6.49 18.86 3.32
C ALA A 132 6.33 17.95 2.09
N LEU A 133 7.11 18.22 1.02
CA LEU A 133 7.23 17.32 -0.15
C LEU A 133 5.92 17.20 -0.89
N THR A 134 5.20 18.30 -0.91
CA THR A 134 3.98 18.45 -1.67
CA THR A 134 4.00 18.44 -1.70
C THR A 134 4.11 19.75 -2.45
N GLY A 135 3.65 19.74 -3.70
CA GLY A 135 3.89 20.93 -4.55
C GLY A 135 5.27 20.74 -5.15
N LEU A 136 5.96 21.82 -5.37
CA LEU A 136 7.30 21.76 -5.95
C LEU A 136 8.31 21.76 -4.81
N TYR A 137 9.30 20.89 -4.86
CA TYR A 137 10.28 20.82 -3.79
C TYR A 137 11.62 20.35 -4.22
N LYS A 138 12.58 20.49 -3.37
CA LYS A 138 13.95 20.05 -3.57
C LYS A 138 14.22 18.82 -2.78
N SER A 139 14.67 17.78 -3.46
CA SER A 139 15.07 16.53 -2.80
C SER A 139 16.52 16.33 -3.10
N LYS A 140 17.35 16.58 -2.12
CA LYS A 140 18.78 16.51 -2.30
C LYS A 140 19.07 17.53 -3.41
N ASN A 141 19.50 17.14 -4.60
CA ASN A 141 19.84 18.15 -5.61
C ASN A 141 18.93 18.09 -6.79
N ILE A 142 17.72 17.57 -6.56
CA ILE A 142 16.75 17.41 -7.61
C ILE A 142 15.62 18.31 -7.25
N ILE A 143 15.09 19.01 -8.22
CA ILE A 143 13.84 19.72 -8.10
C ILE A 143 12.72 18.84 -8.65
N VAL A 144 11.65 18.64 -7.89
CA VAL A 144 10.62 17.65 -8.26
C VAL A 144 9.25 18.08 -7.74
N SER A 145 8.17 17.73 -8.44
CA SER A 145 6.84 17.99 -7.98
C SER A 145 6.12 16.74 -7.45
N GLN A 146 5.19 16.98 -6.52
CA GLN A 146 4.20 15.98 -6.22
C GLN A 146 2.86 16.71 -6.09
N CYS A 147 1.99 16.49 -7.04
CA CYS A 147 0.66 17.19 -7.12
C CYS A 147 -0.52 16.40 -6.59
N GLU A 148 -0.51 15.06 -6.59
CA GLU A 148 -1.72 14.39 -6.05
C GLU A 148 -1.77 14.44 -4.54
N ALA A 149 -2.89 14.75 -3.89
CA ALA A 149 -4.22 15.11 -4.57
C ALA A 149 -4.31 16.61 -4.82
N THR A 150 -3.82 17.44 -3.87
CA THR A 150 -4.10 18.91 -3.86
C THR A 150 -2.82 19.72 -3.85
N GLY A 151 -1.78 19.21 -4.48
CA GLY A 151 -0.49 19.86 -4.48
C GLY A 151 -0.31 20.87 -5.61
N PHE A 152 -1.08 20.75 -6.69
CA PHE A 152 -0.82 21.69 -7.90
C PHE A 152 -1.07 23.12 -7.47
N ARG A 153 -2.02 23.29 -6.53
CA ARG A 153 -2.33 24.62 -6.01
C ARG A 153 -1.23 25.23 -5.19
N ARG A 154 -0.30 24.44 -4.78
CA ARG A 154 0.93 24.96 -4.19
C ARG A 154 1.96 25.43 -5.19
N ILE A 155 1.70 25.25 -6.49
CA ILE A 155 2.62 25.64 -7.58
C ILE A 155 2.07 26.90 -8.28
N THR A 156 0.80 26.86 -8.60
CA THR A 156 0.14 27.97 -9.20
C THR A 156 -1.34 27.88 -8.97
N PHE A 157 -2.02 28.89 -9.45
CA PHE A 157 -3.46 28.98 -9.26
C PHE A 157 -4.18 28.01 -10.15
N PHE A 158 -5.18 27.34 -9.60
CA PHE A 158 -5.94 26.39 -10.36
C PHE A 158 -7.26 26.10 -9.72
N ILE A 159 -8.20 25.57 -10.49
CA ILE A 159 -9.39 25.00 -9.91
C ILE A 159 -8.98 23.54 -9.69
N ASP A 160 -8.47 23.23 -8.49
CA ASP A 160 -7.61 22.06 -8.29
C ASP A 160 -8.49 20.91 -7.80
N ARG A 161 -9.15 20.31 -8.77
CA ARG A 161 -10.06 19.19 -8.58
C ARG A 161 -9.97 18.35 -9.88
N PRO A 162 -10.18 17.02 -9.76
CA PRO A 162 -9.85 16.14 -10.88
C PRO A 162 -10.72 16.16 -12.11
N ASP A 163 -11.91 16.74 -11.97
CA ASP A 163 -12.75 16.84 -13.16
C ASP A 163 -12.42 18.05 -14.01
N MET A 164 -11.43 18.86 -13.62
CA MET A 164 -11.04 20.04 -14.44
C MET A 164 -9.96 19.64 -15.38
N MET A 165 -10.35 19.08 -16.51
CA MET A 165 -9.40 18.48 -17.38
C MET A 165 -8.92 19.45 -18.50
N ALA A 166 -7.63 19.50 -18.72
CA ALA A 166 -7.00 20.44 -19.67
C ALA A 166 -5.76 19.91 -20.34
N LYS A 167 -5.28 20.62 -21.36
CA LYS A 167 -4.02 20.25 -22.05
C LYS A 167 -2.88 21.18 -21.71
N TYR A 168 -1.69 20.60 -21.51
CA TYR A 168 -0.58 21.31 -20.90
C TYR A 168 0.62 21.53 -21.84
N ASP A 169 1.15 22.76 -21.78
CA ASP A 169 2.30 23.20 -22.54
C ASP A 169 3.21 23.79 -21.51
N VAL A 170 4.35 23.13 -21.25
CA VAL A 170 5.14 23.49 -20.08
C VAL A 170 6.57 23.75 -20.45
N THR A 171 7.04 24.92 -20.04
CA THR A 171 8.46 25.31 -20.21
C THR A 171 9.13 25.34 -18.87
N VAL A 172 10.29 24.73 -18.77
CA VAL A 172 11.09 24.76 -17.54
C VAL A 172 12.43 25.37 -17.88
N THR A 173 12.94 26.32 -17.04
CA THR A 173 14.28 26.89 -17.21
C THR A 173 15.06 26.75 -15.93
N ALA A 174 16.37 26.69 -16.08
CA ALA A 174 17.20 26.51 -14.92
C ALA A 174 18.65 26.73 -15.28
N ASP A 175 19.47 26.89 -14.26
CA ASP A 175 20.93 26.83 -14.44
C ASP A 175 21.25 25.50 -15.11
N LYS A 176 22.02 25.55 -16.19
CA LYS A 176 22.34 24.35 -16.92
C LYS A 176 23.31 23.41 -16.19
N GLU A 177 24.27 23.96 -15.48
CA GLU A 177 25.27 23.16 -14.80
C GLU A 177 24.67 22.38 -13.65
N LYS A 178 23.81 23.04 -12.88
CA LYS A 178 23.13 22.39 -11.75
C LYS A 178 22.01 21.47 -12.19
N TYR A 179 21.27 21.90 -13.23
CA TYR A 179 20.02 21.18 -13.64
C TYR A 179 20.09 20.88 -15.15
N PRO A 180 20.98 19.97 -15.55
CA PRO A 180 21.16 19.66 -16.97
C PRO A 180 19.96 18.95 -17.60
N VAL A 181 19.21 18.19 -16.77
CA VAL A 181 18.08 17.44 -17.28
C VAL A 181 16.77 18.03 -16.76
N LEU A 182 15.90 18.35 -17.70
CA LEU A 182 14.64 19.03 -17.44
C LEU A 182 13.55 18.15 -18.06
N LEU A 183 12.51 17.81 -17.29
CA LEU A 183 11.47 16.91 -17.71
C LEU A 183 10.16 17.47 -17.32
N SER A 184 9.16 17.39 -18.20
CA SER A 184 7.75 17.57 -17.77
C SER A 184 6.93 16.55 -18.58
N ASN A 185 5.58 16.56 -18.44
CA ASN A 185 4.72 15.54 -19.12
C ASN A 185 4.83 15.67 -20.62
N GLY A 186 4.99 14.57 -21.31
CA GLY A 186 4.76 14.48 -22.75
C GLY A 186 5.93 14.75 -23.62
N ASP A 187 5.64 15.17 -24.84
CA ASP A 187 6.67 15.28 -25.91
C ASP A 187 7.58 16.48 -25.61
N LYS A 188 8.90 16.30 -25.60
CA LYS A 188 9.81 17.46 -25.59
C LYS A 188 9.82 18.07 -26.99
N VAL A 189 9.30 19.29 -27.12
CA VAL A 189 9.19 19.97 -28.45
C VAL A 189 10.29 20.99 -28.75
N ASN A 190 11.05 21.41 -27.76
CA ASN A 190 12.16 22.35 -27.94
C ASN A 190 13.08 22.28 -26.75
N GLU A 191 14.34 22.57 -27.01
CA GLU A 191 15.37 22.72 -26.05
C GLU A 191 16.09 24.00 -26.50
N PHE A 192 16.44 24.86 -25.57
CA PHE A 192 17.17 26.11 -25.90
C PHE A 192 18.05 26.63 -24.81
N GLU A 193 19.05 27.39 -25.23
CA GLU A 193 20.01 28.02 -24.36
C GLU A 193 19.45 29.44 -23.98
N ILE A 194 19.86 29.94 -22.81
CA ILE A 194 19.38 31.20 -22.24
C ILE A 194 20.65 31.93 -21.76
N PRO A 195 20.68 33.27 -21.88
CA PRO A 195 21.86 33.95 -21.37
C PRO A 195 22.03 33.76 -19.90
N GLY A 196 23.27 33.73 -19.48
CA GLY A 196 23.61 33.69 -18.08
C GLY A 196 23.68 32.26 -17.61
N GLY A 197 24.02 31.34 -18.51
CA GLY A 197 24.30 29.94 -18.13
C GLY A 197 23.03 29.13 -17.83
N ARG A 198 21.91 29.59 -18.36
CA ARG A 198 20.62 28.93 -18.21
C ARG A 198 20.23 28.18 -19.48
N HIS A 199 19.20 27.35 -19.37
CA HIS A 199 18.68 26.63 -20.49
C HIS A 199 17.25 26.29 -20.19
N GLY A 200 16.53 25.95 -21.26
CA GLY A 200 15.10 25.72 -21.21
C GLY A 200 14.70 24.46 -21.99
N ALA A 201 13.60 23.87 -21.60
CA ALA A 201 12.97 22.76 -22.35
C ALA A 201 11.45 22.95 -22.29
N ARG A 202 10.79 22.74 -23.43
CA ARG A 202 9.34 22.88 -23.54
C ARG A 202 8.74 21.51 -23.90
N PHE A 203 7.59 21.22 -23.25
CA PHE A 203 6.93 19.92 -23.32
C PHE A 203 5.52 20.19 -23.68
N ASN A 204 4.95 19.30 -24.51
CA ASN A 204 3.52 19.33 -24.82
C ASN A 204 2.92 17.96 -24.48
N ASP A 205 1.96 17.95 -23.60
CA ASP A 205 1.20 16.72 -23.33
C ASP A 205 -0.15 16.84 -24.07
N PRO A 206 -0.32 15.98 -25.11
CA PRO A 206 -1.55 16.02 -25.90
C PRO A 206 -2.80 15.47 -25.22
N HIS A 207 -2.64 14.75 -24.12
CA HIS A 207 -3.80 14.11 -23.47
C HIS A 207 -4.42 14.96 -22.42
N LEU A 208 -5.73 15.24 -22.55
CA LEU A 208 -6.40 15.91 -21.48
C LEU A 208 -6.14 15.26 -20.11
N LYS A 209 -5.85 16.07 -19.14
CA LYS A 209 -5.64 15.57 -17.79
C LYS A 209 -6.07 16.51 -16.75
N PRO A 210 -6.33 15.99 -15.54
CA PRO A 210 -6.45 16.80 -14.37
C PRO A 210 -5.04 17.25 -13.85
N CYS A 211 -5.01 18.31 -13.03
CA CYS A 211 -3.73 18.91 -12.63
C CYS A 211 -2.95 18.02 -11.74
N TYR A 212 -3.64 17.07 -11.06
CA TYR A 212 -2.91 16.18 -10.16
C TYR A 212 -1.90 15.28 -10.85
N LEU A 213 -1.97 15.15 -12.20
CA LEU A 213 -1.08 14.37 -12.96
C LEU A 213 0.05 15.21 -13.64
N PHE A 214 0.03 16.53 -13.41
CA PHE A 214 1.12 17.38 -13.81
C PHE A 214 2.36 16.97 -13.04
N ALA A 215 3.48 16.89 -13.73
CA ALA A 215 4.80 16.84 -13.09
C ALA A 215 5.97 17.57 -13.77
N VAL A 216 6.95 17.96 -12.96
CA VAL A 216 8.20 18.50 -13.41
C VAL A 216 9.34 17.98 -12.60
N VAL A 217 10.49 17.79 -13.24
CA VAL A 217 11.72 17.42 -12.61
C VAL A 217 12.88 18.20 -13.24
N ALA A 218 13.83 18.68 -12.43
CA ALA A 218 15.03 19.26 -12.96
C ALA A 218 16.16 18.70 -12.14
N GLY A 219 17.19 18.25 -12.78
CA GLY A 219 18.35 17.71 -12.02
C GLY A 219 19.51 17.29 -12.86
N ASP A 220 20.61 16.93 -12.18
CA ASP A 220 21.77 16.29 -12.78
C ASP A 220 21.58 14.75 -12.84
N LEU A 221 20.64 14.36 -13.67
CA LEU A 221 20.19 12.99 -13.65
C LEU A 221 20.97 12.15 -14.66
N LYS A 222 21.17 10.88 -14.32
CA LYS A 222 21.73 9.90 -15.24
C LYS A 222 20.64 8.89 -15.54
N HIS A 223 20.79 8.14 -16.63
CA HIS A 223 19.75 7.26 -17.06
C HIS A 223 20.25 6.02 -17.75
N LEU A 224 19.35 5.05 -17.73
CA LEU A 224 19.33 3.91 -18.67
C LEU A 224 18.14 4.03 -19.60
N SER A 225 18.20 3.51 -20.86
CA SER A 225 17.10 3.57 -21.73
C SER A 225 16.94 2.29 -22.54
N ALA A 226 15.76 2.16 -23.14
CA ALA A 226 15.36 1.12 -24.10
C ALA A 226 14.28 1.62 -25.02
N THR A 227 13.99 0.84 -26.08
CA THR A 227 12.88 1.11 -26.94
C THR A 227 11.99 -0.12 -26.83
N TYR A 228 10.69 0.10 -26.76
CA TYR A 228 9.71 -0.93 -26.66
C TYR A 228 8.83 -0.70 -27.84
N ILE A 229 8.47 -1.78 -28.53
CA ILE A 229 7.53 -1.66 -29.64
C ILE A 229 6.19 -2.26 -29.26
N THR A 230 5.09 -1.49 -29.36
CA THR A 230 3.84 -2.04 -28.88
C THR A 230 3.32 -3.21 -29.74
N LYS A 231 2.52 -4.04 -29.11
CA LYS A 231 2.17 -5.36 -29.62
C LYS A 231 1.30 -5.26 -30.86
N TYR A 232 0.30 -4.40 -30.85
CA TYR A 232 -0.77 -4.48 -31.82
C TYR A 232 -0.55 -3.43 -32.90
N THR A 233 -0.25 -2.20 -32.50
CA THR A 233 -0.04 -1.10 -33.44
C THR A 233 1.40 -0.79 -33.75
N LYS A 234 2.36 -1.46 -33.11
CA LYS A 234 3.77 -1.28 -33.44
C LYS A 234 4.25 0.16 -33.25
N LYS A 235 3.66 0.82 -32.27
CA LYS A 235 4.13 2.13 -31.80
C LYS A 235 5.53 1.94 -31.16
N LYS A 236 6.50 2.76 -31.57
CA LYS A 236 7.85 2.77 -30.96
C LYS A 236 7.81 3.64 -29.68
N VAL A 237 8.20 3.11 -28.52
CA VAL A 237 8.20 3.87 -27.27
C VAL A 237 9.57 3.90 -26.65
N GLU A 238 10.08 5.10 -26.41
CA GLU A 238 11.35 5.24 -25.72
C GLU A 238 11.12 5.23 -24.21
N LEU A 239 11.92 4.42 -23.53
CA LEU A 239 11.84 4.14 -22.06
C LEU A 239 13.15 4.59 -21.47
N TYR A 240 13.02 5.52 -20.54
CA TYR A 240 14.14 6.09 -19.74
C TYR A 240 13.77 5.91 -18.24
N VAL A 241 14.78 5.43 -17.49
CA VAL A 241 14.72 5.44 -16.07
C VAL A 241 15.88 6.29 -15.61
N PHE A 242 15.64 7.15 -14.61
CA PHE A 242 16.60 8.20 -14.16
C PHE A 242 16.89 8.13 -12.67
N SER A 243 18.14 8.41 -12.25
CA SER A 243 18.44 8.72 -10.88
C SER A 243 19.63 9.70 -10.78
N GLU A 244 19.93 10.14 -9.60
CA GLU A 244 21.22 10.74 -9.33
C GLU A 244 22.37 9.80 -9.79
N GLU A 245 23.47 10.45 -10.16
CA GLU A 245 24.65 9.76 -10.62
C GLU A 245 25.15 8.63 -9.73
N LYS A 246 25.20 8.83 -8.42
CA LYS A 246 25.76 7.84 -7.52
C LYS A 246 25.05 6.48 -7.73
N TYR A 247 23.79 6.48 -8.14
CA TYR A 247 23.01 5.24 -8.11
C TYR A 247 22.48 4.77 -9.45
N VAL A 248 23.06 5.29 -10.55
CA VAL A 248 22.57 4.94 -11.89
C VAL A 248 22.61 3.41 -12.12
N SER A 249 23.56 2.74 -11.54
CA SER A 249 23.64 1.32 -11.77
C SER A 249 22.53 0.55 -11.09
N LYS A 250 21.83 1.16 -10.16
CA LYS A 250 20.73 0.49 -9.46
C LYS A 250 19.39 0.64 -10.22
N LEU A 251 19.43 1.14 -11.43
CA LEU A 251 18.19 1.34 -12.22
C LEU A 251 17.76 0.11 -13.10
N GLN A 252 18.58 -0.92 -13.19
CA GLN A 252 18.43 -1.93 -14.25
C GLN A 252 17.11 -2.72 -14.04
N TRP A 253 16.84 -3.13 -12.80
CA TRP A 253 15.68 -3.97 -12.56
C TRP A 253 14.37 -3.21 -12.93
N ALA A 254 14.35 -1.91 -12.57
CA ALA A 254 13.15 -1.10 -12.82
C ALA A 254 12.77 -1.13 -14.29
N LEU A 255 13.79 -0.97 -15.14
CA LEU A 255 13.58 -0.86 -16.59
C LEU A 255 13.02 -2.19 -17.10
N GLU A 256 13.59 -3.29 -16.63
CA GLU A 256 13.04 -4.63 -16.90
C GLU A 256 11.59 -4.79 -16.39
N CYS A 257 11.32 -4.26 -15.18
CA CYS A 257 9.98 -4.36 -14.67
C CYS A 257 9.06 -3.54 -15.52
N LEU A 258 9.54 -2.40 -16.05
CA LEU A 258 8.62 -1.59 -16.90
C LEU A 258 8.27 -2.34 -18.18
N LYS A 259 9.27 -2.97 -18.77
CA LYS A 259 8.99 -3.77 -19.94
C LYS A 259 8.00 -4.94 -19.67
N LYS A 260 8.13 -5.55 -18.51
CA LYS A 260 7.21 -6.59 -18.09
C LYS A 260 5.76 -6.07 -17.96
N SER A 261 5.65 -4.90 -17.32
CA SER A 261 4.38 -4.26 -17.15
C SER A 261 3.70 -3.95 -18.39
N MET A 262 4.46 -3.36 -19.32
CA MET A 262 3.87 -3.01 -20.59
C MET A 262 3.32 -4.27 -21.32
N ALA A 263 4.10 -5.31 -21.25
CA ALA A 263 3.74 -6.57 -21.92
C ALA A 263 2.53 -7.16 -21.30
N PHE A 264 2.46 -7.11 -19.96
CA PHE A 264 1.31 -7.66 -19.29
C PHE A 264 -0.03 -6.93 -19.65
N ASP A 265 -0.01 -5.59 -19.68
CA ASP A 265 -1.22 -4.86 -20.02
C ASP A 265 -1.62 -5.19 -21.45
N GLU A 266 -0.65 -5.35 -22.33
CA GLU A 266 -0.98 -5.73 -23.71
C GLU A 266 -1.55 -7.12 -23.77
N ASP A 267 -0.92 -8.04 -23.05
CA ASP A 267 -1.31 -9.45 -23.12
C ASP A 267 -2.61 -9.78 -22.47
N TYR A 268 -2.85 -9.32 -21.24
CA TYR A 268 -4.09 -9.64 -20.52
C TYR A 268 -5.18 -8.70 -20.90
N PHE A 269 -4.90 -7.39 -20.94
CA PHE A 269 -5.94 -6.37 -21.18
C PHE A 269 -6.00 -5.76 -22.56
N GLY A 270 -5.07 -6.12 -23.42
CA GLY A 270 -5.00 -5.51 -24.75
C GLY A 270 -4.76 -4.03 -24.77
N LEU A 271 -4.04 -3.51 -23.77
CA LEU A 271 -3.83 -2.07 -23.65
C LEU A 271 -2.41 -1.68 -23.95
N GLU A 272 -2.26 -0.69 -24.85
CA GLU A 272 -0.96 -0.23 -25.29
C GLU A 272 -0.69 1.18 -24.72
N TYR A 273 0.57 1.48 -24.51
CA TYR A 273 1.03 2.81 -24.13
C TYR A 273 0.73 3.82 -25.26
N ASP A 274 0.63 5.09 -24.90
CA ASP A 274 -0.01 6.11 -25.76
C ASP A 274 0.81 7.39 -25.89
N LEU A 275 2.13 7.33 -25.66
CA LEU A 275 3.03 8.44 -25.93
C LEU A 275 4.28 7.84 -26.50
N SER A 276 5.10 8.68 -27.12
CA SER A 276 6.34 8.25 -27.71
C SER A 276 7.35 7.96 -26.69
N ARG A 277 7.12 8.42 -25.44
CA ARG A 277 8.21 8.28 -24.46
C ARG A 277 7.60 8.11 -23.10
N LEU A 278 8.30 7.33 -22.29
CA LEU A 278 7.87 7.15 -20.78
C LEU A 278 9.10 7.24 -19.94
N ASN A 279 9.10 8.18 -18.95
CA ASN A 279 10.21 8.36 -18.07
C ASN A 279 9.77 7.94 -16.69
N LEU A 280 10.70 7.30 -15.99
CA LEU A 280 10.51 6.96 -14.58
C LEU A 280 11.65 7.64 -13.90
N VAL A 281 11.38 8.29 -12.76
CA VAL A 281 12.46 9.00 -12.02
C VAL A 281 12.49 8.67 -10.49
N ALA A 282 13.66 8.39 -9.93
CA ALA A 282 13.84 8.14 -8.50
C ALA A 282 14.28 9.42 -7.84
N VAL A 283 13.67 9.69 -6.69
CA VAL A 283 14.08 10.77 -5.82
C VAL A 283 14.14 10.27 -4.39
N SER A 284 15.05 10.87 -3.61
CA SER A 284 15.42 10.40 -2.29
C SER A 284 14.29 10.71 -1.25
N ASP A 285 13.57 11.82 -1.45
CA ASP A 285 12.61 12.32 -0.46
C ASP A 285 11.21 12.31 -1.10
N PHE A 286 10.36 11.35 -0.66
CA PHE A 286 9.05 11.13 -1.22
C PHE A 286 8.17 10.60 -0.12
N ASN A 287 6.97 11.11 -0.05
CA ASN A 287 6.11 10.79 1.08
C ASN A 287 5.47 9.41 0.95
N VAL A 288 5.27 8.96 -0.30
CA VAL A 288 4.64 7.67 -0.52
C VAL A 288 5.54 6.85 -1.46
N GLY A 289 5.05 5.80 -2.06
CA GLY A 289 5.89 4.97 -2.88
C GLY A 289 6.31 5.52 -4.23
N ALA A 290 5.35 6.07 -4.97
CA ALA A 290 5.56 6.59 -6.27
C ALA A 290 4.26 7.22 -6.73
N MET A 291 4.28 7.81 -7.95
CA MET A 291 3.20 8.62 -8.50
C MET A 291 3.16 8.48 -10.00
N GLU A 292 1.96 8.44 -10.56
CA GLU A 292 1.72 8.03 -11.94
C GLU A 292 1.65 9.21 -12.90
N ASN A 293 2.41 10.27 -12.67
CA ASN A 293 2.22 11.48 -13.53
C ASN A 293 2.42 11.11 -15.00
N LYS A 294 1.50 11.58 -15.85
CA LYS A 294 1.53 11.07 -17.21
C LYS A 294 2.89 11.19 -17.87
N GLY A 295 3.36 10.07 -18.43
CA GLY A 295 4.66 10.02 -19.09
C GLY A 295 5.89 10.25 -18.23
N LEU A 296 5.68 10.53 -16.95
CA LEU A 296 6.71 10.96 -16.06
C LEU A 296 6.38 10.48 -14.65
N ASN A 297 6.53 9.16 -14.51
CA ASN A 297 6.25 8.59 -13.20
C ASN A 297 7.42 8.85 -12.28
N ILE A 298 7.13 9.29 -11.07
CA ILE A 298 8.14 9.64 -10.07
C ILE A 298 8.06 8.71 -8.87
N PHE A 299 9.21 8.24 -8.37
CA PHE A 299 9.30 7.18 -7.37
C PHE A 299 10.09 7.60 -6.19
N ASN A 300 9.64 7.13 -5.04
CA ASN A 300 10.54 6.99 -3.94
C ASN A 300 11.67 6.10 -4.37
N ALA A 301 12.95 6.50 -4.12
CA ALA A 301 14.05 5.72 -4.59
C ALA A 301 13.97 4.29 -4.08
N ASN A 302 13.45 4.11 -2.89
CA ASN A 302 13.31 2.76 -2.31
C ASN A 302 12.41 1.86 -3.05
N SER A 303 11.63 2.41 -4.01
CA SER A 303 10.70 1.60 -4.84
C SER A 303 11.05 1.57 -6.32
N LEU A 304 12.25 2.07 -6.66
CA LEU A 304 12.79 2.03 -8.02
C LEU A 304 14.20 1.51 -8.10
N LEU A 305 14.99 1.63 -7.08
CA LEU A 305 16.44 1.36 -7.14
C LEU A 305 16.84 0.14 -6.33
N ALA A 306 17.58 -0.76 -6.98
CA ALA A 306 18.18 -1.89 -6.35
C ALA A 306 19.42 -2.37 -7.08
N SER A 307 20.22 -3.09 -6.30
CA SER A 307 21.28 -3.97 -6.82
C SER A 307 21.40 -5.13 -5.88
N LYS A 308 21.78 -6.29 -6.42
CA LYS A 308 21.88 -7.50 -5.59
C LYS A 308 22.94 -7.46 -4.49
N LYS A 309 23.97 -6.63 -4.69
CA LYS A 309 24.97 -6.46 -3.70
C LYS A 309 24.51 -5.49 -2.60
N ASN A 310 23.53 -4.62 -2.92
CA ASN A 310 23.21 -3.51 -2.01
C ASN A 310 21.77 -3.36 -1.64
N SER A 311 20.99 -4.42 -1.88
CA SER A 311 19.59 -4.36 -1.52
C SER A 311 19.21 -5.68 -0.96
N ILE A 312 18.27 -5.70 -0.02
CA ILE A 312 17.70 -6.97 0.39
C ILE A 312 16.71 -7.48 -0.68
N ASP A 313 16.35 -8.75 -0.56
CA ASP A 313 15.51 -9.40 -1.53
C ASP A 313 14.19 -8.68 -1.80
N PHE A 314 13.58 -8.25 -0.71
CA PHE A 314 12.20 -7.72 -0.75
C PHE A 314 12.17 -6.49 -1.74
N SER A 315 13.30 -5.80 -1.94
CA SER A 315 13.35 -4.71 -2.96
C SER A 315 12.93 -5.10 -4.34
N TYR A 316 13.19 -6.35 -4.72
CA TYR A 316 12.87 -6.81 -6.09
C TYR A 316 11.38 -6.87 -6.31
N ALA A 317 10.67 -7.49 -5.36
CA ALA A 317 9.22 -7.57 -5.47
C ALA A 317 8.63 -6.19 -5.26
N ARG A 318 9.25 -5.38 -4.45
CA ARG A 318 8.79 -3.99 -4.24
C ARG A 318 8.78 -3.16 -5.52
N ILE A 319 9.91 -3.17 -6.20
CA ILE A 319 10.07 -2.49 -7.45
C ILE A 319 9.15 -2.99 -8.54
N LEU A 320 9.03 -4.30 -8.66
CA LEU A 320 8.08 -4.87 -9.60
C LEU A 320 6.68 -4.41 -9.35
N THR A 321 6.26 -4.45 -8.09
CA THR A 321 4.94 -3.97 -7.66
C THR A 321 4.75 -2.46 -7.98
N VAL A 322 5.71 -1.65 -7.65
CA VAL A 322 5.45 -0.20 -7.75
C VAL A 322 5.55 0.31 -9.22
N VAL A 323 6.54 -0.22 -9.96
CA VAL A 323 6.65 0.08 -11.42
C VAL A 323 5.40 -0.37 -12.12
N GLY A 324 4.96 -1.57 -11.79
CA GLY A 324 3.73 -2.00 -12.36
C GLY A 324 2.53 -1.23 -12.01
N HIS A 325 2.35 -0.96 -10.71
CA HIS A 325 1.23 -0.16 -10.23
C HIS A 325 1.22 1.19 -11.01
N GLU A 326 2.35 1.87 -11.07
CA GLU A 326 2.25 3.22 -11.67
C GLU A 326 2.04 3.13 -13.19
N TYR A 327 2.52 2.08 -13.82
CA TYR A 327 2.29 1.87 -15.25
C TYR A 327 0.81 1.58 -15.52
N PHE A 328 0.23 0.66 -14.73
CA PHE A 328 -1.16 0.36 -14.84
C PHE A 328 -2.08 1.51 -14.69
N HIS A 329 -1.72 2.49 -13.88
CA HIS A 329 -2.49 3.72 -13.78
C HIS A 329 -2.65 4.49 -15.11
N ASN A 330 -1.79 4.20 -16.09
CA ASN A 330 -1.91 4.91 -17.38
C ASN A 330 -3.29 4.79 -17.94
N TYR A 331 -3.94 3.63 -17.79
CA TYR A 331 -5.35 3.47 -18.16
C TYR A 331 -6.22 3.67 -16.93
N THR A 332 -5.96 2.99 -15.82
CA THR A 332 -6.95 3.08 -14.70
C THR A 332 -6.47 4.19 -13.75
N GLY A 333 -6.76 5.44 -14.17
CA GLY A 333 -6.42 6.67 -13.45
C GLY A 333 -6.09 7.84 -14.39
N ASN A 334 -5.41 7.54 -15.51
CA ASN A 334 -4.96 8.63 -16.40
C ASN A 334 -5.86 8.68 -17.60
N ARG A 335 -5.88 7.65 -18.44
CA ARG A 335 -6.91 7.70 -19.54
C ARG A 335 -8.34 7.63 -19.12
N VAL A 336 -8.67 6.89 -18.04
CA VAL A 336 -9.89 7.02 -17.38
C VAL A 336 -9.58 7.56 -16.01
N THR A 337 -9.98 8.79 -15.76
CA THR A 337 -9.69 9.41 -14.45
C THR A 337 -10.92 9.51 -13.52
N LEU A 338 -10.79 10.26 -12.42
CA LEU A 338 -11.78 10.35 -11.37
C LEU A 338 -12.61 11.62 -11.53
N ARG A 339 -13.92 11.51 -11.46
CA ARG A 339 -14.82 12.70 -11.36
C ARG A 339 -14.55 13.57 -10.12
N ASP A 340 -14.26 12.87 -9.02
CA ASP A 340 -14.06 13.52 -7.77
C ASP A 340 -13.29 12.55 -6.88
N TRP A 341 -12.89 13.03 -5.73
CA TRP A 341 -11.88 12.26 -4.92
C TRP A 341 -12.61 11.15 -4.18
N PHE A 342 -13.93 11.20 -4.08
CA PHE A 342 -14.65 10.10 -3.43
C PHE A 342 -14.54 8.79 -4.22
N GLN A 343 -14.28 8.93 -5.51
CA GLN A 343 -14.06 7.83 -6.41
C GLN A 343 -12.62 7.25 -6.36
N LEU A 344 -11.82 7.60 -5.37
CA LEU A 344 -10.41 7.18 -5.32
C LEU A 344 -10.20 5.68 -5.53
N THR A 345 -11.05 4.88 -4.89
CA THR A 345 -10.85 3.43 -5.00
C THR A 345 -10.98 2.93 -6.47
N LEU A 346 -11.79 3.62 -7.30
CA LEU A 346 -11.83 3.28 -8.70
C LEU A 346 -10.50 3.30 -9.43
N LYS A 347 -9.61 4.20 -9.05
CA LYS A 347 -8.30 4.10 -9.65
C LYS A 347 -7.36 3.29 -8.76
N GLU A 348 -7.45 3.46 -7.48
CA GLU A 348 -6.46 2.75 -6.62
C GLU A 348 -6.80 1.28 -6.38
N GLY A 349 -8.05 0.97 -6.04
CA GLY A 349 -8.36 -0.46 -5.86
C GLY A 349 -8.14 -1.24 -7.14
N LEU A 350 -8.52 -0.62 -8.27
CA LEU A 350 -8.42 -1.28 -9.53
C LEU A 350 -7.00 -1.45 -10.01
N THR A 351 -6.15 -0.45 -9.75
CA THR A 351 -4.77 -0.52 -10.09
C THR A 351 -4.08 -1.52 -9.20
N VAL A 352 -4.44 -1.58 -7.91
CA VAL A 352 -3.81 -2.57 -7.06
C VAL A 352 -4.17 -4.02 -7.56
N HIS A 353 -5.39 -4.22 -7.96
CA HIS A 353 -5.86 -5.52 -8.42
C HIS A 353 -5.08 -5.85 -9.71
N ARG A 354 -4.93 -4.88 -10.64
CA ARG A 354 -4.16 -5.09 -11.88
C ARG A 354 -2.70 -5.48 -11.54
N GLU A 355 -2.12 -4.77 -10.62
CA GLU A 355 -0.74 -5.09 -10.23
C GLU A 355 -0.68 -6.46 -9.59
N ASN A 356 -1.66 -6.78 -8.77
CA ASN A 356 -1.63 -8.12 -8.14
C ASN A 356 -1.65 -9.20 -9.21
N LEU A 357 -2.57 -9.13 -10.16
CA LEU A 357 -2.53 -10.10 -11.27
C LEU A 357 -1.23 -10.17 -11.97
N PHE A 358 -0.58 -9.04 -12.23
CA PHE A 358 0.70 -8.96 -12.89
C PHE A 358 1.72 -9.64 -12.01
N SER A 359 1.76 -9.28 -10.74
CA SER A 359 2.83 -9.80 -9.87
C SER A 359 2.67 -11.32 -9.62
N GLU A 360 1.43 -11.77 -9.59
CA GLU A 360 1.19 -13.23 -9.45
C GLU A 360 1.72 -13.96 -10.66
N GLU A 361 1.50 -13.36 -11.84
CA GLU A 361 1.99 -13.95 -13.11
C GLU A 361 3.53 -13.88 -13.21
N MET A 362 4.15 -12.77 -12.73
CA MET A 362 5.60 -12.68 -12.78
C MET A 362 6.34 -13.54 -11.81
N THR A 363 5.81 -13.67 -10.61
CA THR A 363 6.51 -14.39 -9.57
C THR A 363 6.24 -15.92 -9.56
N LYS A 364 5.05 -16.34 -9.91
CA LYS A 364 4.68 -17.79 -9.93
C LYS A 364 4.92 -18.51 -8.61
N THR A 365 4.73 -17.78 -7.52
CA THR A 365 4.84 -18.29 -6.19
C THR A 365 3.54 -18.09 -5.45
N VAL A 366 3.07 -19.11 -4.72
CA VAL A 366 1.83 -18.95 -3.93
C VAL A 366 1.93 -17.97 -2.79
N THR A 367 3.11 -17.66 -2.34
CA THR A 367 3.30 -16.70 -1.30
C THR A 367 2.98 -15.28 -1.69
N THR A 368 2.95 -14.95 -2.98
CA THR A 368 2.58 -13.62 -3.44
C THR A 368 1.08 -13.27 -3.08
N ARG A 369 0.13 -14.16 -3.37
CA ARG A 369 -1.26 -13.96 -2.87
C ARG A 369 -1.40 -14.02 -1.40
N LEU A 370 -0.66 -14.93 -0.72
CA LEU A 370 -0.72 -15.02 0.70
C LEU A 370 -0.23 -13.74 1.33
N SER A 371 0.80 -13.09 0.80
CA SER A 371 1.30 -11.86 1.37
C SER A 371 0.27 -10.72 1.34
N HIS A 372 -0.53 -10.70 0.30
CA HIS A 372 -1.60 -9.71 0.21
CA HIS A 372 -1.53 -9.64 0.26
C HIS A 372 -2.68 -9.94 1.25
N VAL A 373 -3.10 -11.19 1.33
CA VAL A 373 -4.15 -11.60 2.27
C VAL A 373 -3.68 -11.30 3.70
N ASP A 374 -2.38 -11.59 4.01
CA ASP A 374 -1.82 -11.33 5.34
C ASP A 374 -1.89 -9.84 5.68
N LEU A 375 -1.56 -9.02 4.73
CA LEU A 375 -1.66 -7.58 4.90
C LEU A 375 -3.09 -7.11 5.14
N LEU A 376 -4.03 -7.55 4.31
CA LEU A 376 -5.41 -7.16 4.45
C LEU A 376 -5.98 -7.55 5.82
N ARG A 377 -5.79 -8.80 6.23
CA ARG A 377 -6.40 -9.28 7.46
C ARG A 377 -5.75 -8.74 8.71
N SER A 378 -4.55 -8.22 8.57
CA SER A 378 -3.96 -7.57 9.68
C SER A 378 -4.29 -6.10 9.67
N VAL A 379 -3.69 -5.36 8.76
CA VAL A 379 -3.70 -3.95 8.80
C VAL A 379 -5.14 -3.47 8.41
N GLN A 380 -5.72 -4.01 7.38
CA GLN A 380 -7.03 -3.44 6.87
C GLN A 380 -8.19 -3.83 7.81
N PHE A 381 -8.24 -5.06 8.30
CA PHE A 381 -9.28 -5.42 9.24
C PHE A 381 -9.25 -4.55 10.48
N LEU A 382 -8.04 -4.30 10.98
CA LEU A 382 -7.86 -3.38 12.13
C LEU A 382 -8.48 -2.06 11.87
N GLU A 383 -8.20 -1.52 10.67
CA GLU A 383 -8.83 -0.21 10.31
C GLU A 383 -10.33 -0.30 10.27
N ASP A 384 -10.82 -1.40 9.75
CA ASP A 384 -12.26 -1.53 9.51
C ASP A 384 -13.09 -1.80 10.81
N SER A 385 -12.40 -2.16 11.88
CA SER A 385 -13.05 -2.23 13.18
C SER A 385 -12.64 -1.08 14.13
N SER A 386 -11.84 -0.13 13.65
CA SER A 386 -11.43 1.08 14.38
C SER A 386 -12.41 2.23 14.18
N PRO A 387 -12.24 3.33 14.97
CA PRO A 387 -13.04 4.51 14.78
C PRO A 387 -12.81 5.20 13.40
N LEU A 388 -11.75 4.82 12.69
CA LEU A 388 -11.48 5.28 11.36
C LEU A 388 -12.23 4.50 10.27
N SER A 389 -13.02 3.46 10.61
CA SER A 389 -13.68 2.65 9.60
C SER A 389 -14.41 3.46 8.61
N HIS A 390 -14.26 3.11 7.34
CA HIS A 390 -14.94 3.77 6.24
C HIS A 390 -15.21 2.78 5.14
N PRO A 391 -16.26 3.00 4.31
CA PRO A 391 -16.40 2.22 3.12
C PRO A 391 -15.34 2.56 2.09
N ILE A 392 -15.13 1.71 1.07
CA ILE A 392 -14.13 2.01 0.06
C ILE A 392 -14.43 3.25 -0.78
N ARG A 393 -15.71 3.63 -0.88
CA ARG A 393 -16.10 4.92 -1.44
C ARG A 393 -16.68 5.72 -0.20
N PRO A 394 -15.84 6.57 0.42
CA PRO A 394 -16.31 7.39 1.57
C PRO A 394 -17.41 8.39 1.25
N GLU A 395 -18.13 8.79 2.28
CA GLU A 395 -19.20 9.77 2.15
C GLU A 395 -18.73 11.21 2.43
N SER A 396 -17.62 11.39 3.15
CA SER A 396 -17.16 12.76 3.46
C SER A 396 -15.68 12.83 3.78
N TYR A 397 -15.04 13.99 3.62
CA TYR A 397 -13.63 14.13 4.07
C TYR A 397 -13.24 15.57 4.42
N VAL A 398 -12.14 15.70 5.15
CA VAL A 398 -11.55 17.00 5.39
C VAL A 398 -10.17 17.17 4.67
N SER A 399 -9.19 16.30 4.90
CA SER A 399 -7.92 16.31 4.18
C SER A 399 -7.90 15.03 3.29
N MET A 400 -7.90 15.18 1.97
CA MET A 400 -8.04 13.98 1.13
C MET A 400 -6.87 13.03 1.34
N GLU A 401 -5.72 13.59 1.61
CA GLU A 401 -4.48 12.84 1.98
C GLU A 401 -4.67 11.79 3.08
N ASN A 402 -5.56 12.05 4.05
CA ASN A 402 -5.91 10.99 4.99
C ASN A 402 -6.72 9.82 4.44
N PHE A 403 -7.20 9.89 3.21
CA PHE A 403 -8.02 8.78 2.70
C PHE A 403 -7.33 7.92 1.67
N TYR A 404 -5.99 8.04 1.61
CA TYR A 404 -5.18 7.12 0.90
C TYR A 404 -4.87 5.99 1.85
N THR A 405 -5.90 5.18 2.05
CA THR A 405 -5.93 4.16 3.12
C THR A 405 -5.87 2.72 2.67
N THR A 406 -5.49 1.85 3.61
CA THR A 406 -5.52 0.40 3.31
C THR A 406 -6.92 -0.04 2.96
N THR A 407 -7.95 0.57 3.52
CA THR A 407 -9.30 0.34 3.08
C THR A 407 -9.50 0.63 1.59
N VAL A 408 -9.14 1.85 1.18
CA VAL A 408 -9.45 2.24 -0.21
C VAL A 408 -8.55 1.42 -1.19
N TYR A 409 -7.27 1.17 -0.84
CA TYR A 409 -6.37 0.41 -1.66
C TYR A 409 -6.64 -1.12 -1.62
N ASP A 410 -6.55 -1.66 -0.40
CA ASP A 410 -6.48 -3.12 -0.18
C ASP A 410 -7.89 -3.74 -0.20
N LYS A 411 -8.82 -3.23 0.61
CA LYS A 411 -10.14 -3.78 0.53
C LYS A 411 -10.69 -3.39 -0.87
N GLY A 412 -10.35 -2.21 -1.37
CA GLY A 412 -10.67 -1.84 -2.78
C GLY A 412 -10.28 -2.89 -3.80
N SER A 413 -9.01 -3.31 -3.66
CA SER A 413 -8.50 -4.32 -4.58
CA SER A 413 -8.44 -4.36 -4.52
C SER A 413 -9.22 -5.66 -4.45
N GLU A 414 -9.55 -6.10 -3.25
CA GLU A 414 -10.32 -7.35 -3.04
C GLU A 414 -11.74 -7.19 -3.67
N VAL A 415 -12.30 -6.00 -3.60
CA VAL A 415 -13.61 -5.74 -4.27
C VAL A 415 -13.45 -5.79 -5.78
N MET A 416 -12.37 -5.22 -6.26
CA MET A 416 -12.17 -5.32 -7.72
C MET A 416 -11.88 -6.78 -8.16
N ARG A 417 -11.12 -7.52 -7.35
CA ARG A 417 -10.84 -8.92 -7.58
C ARG A 417 -12.12 -9.80 -7.59
N MET A 418 -13.10 -9.52 -6.72
CA MET A 418 -14.30 -10.38 -6.68
C MET A 418 -15.02 -10.36 -8.01
N TYR A 419 -14.87 -9.30 -8.76
CA TYR A 419 -15.53 -9.28 -10.11
C TYR A 419 -14.95 -10.34 -11.01
N LEU A 420 -13.61 -10.59 -10.90
CA LEU A 420 -12.96 -11.55 -11.72
C LEU A 420 -13.37 -12.92 -11.24
N THR A 421 -13.40 -13.16 -9.92
CA THR A 421 -13.95 -14.39 -9.37
C THR A 421 -15.38 -14.75 -9.79
N ILE A 422 -16.25 -13.77 -9.75
CA ILE A 422 -17.66 -13.95 -10.17
C ILE A 422 -17.82 -14.23 -11.66
N LEU A 423 -17.16 -13.45 -12.50
CA LEU A 423 -17.37 -13.51 -13.92
C LEU A 423 -16.51 -14.46 -14.64
N GLY A 424 -15.32 -14.77 -14.12
CA GLY A 424 -14.41 -15.58 -14.78
C GLY A 424 -13.59 -14.74 -15.74
N GLU A 425 -12.47 -15.30 -16.13
CA GLU A 425 -11.50 -14.56 -16.94
C GLU A 425 -12.08 -13.96 -18.22
N GLU A 426 -12.83 -14.73 -19.02
CA GLU A 426 -13.39 -14.20 -20.28
C GLU A 426 -14.41 -13.09 -20.12
N TYR A 427 -15.37 -13.22 -19.22
CA TYR A 427 -16.37 -12.17 -19.11
C TYR A 427 -15.83 -10.96 -18.35
N TYR A 428 -14.83 -11.20 -17.49
CA TYR A 428 -14.16 -10.12 -16.76
C TYR A 428 -13.42 -9.25 -17.74
N LYS A 429 -12.66 -9.86 -18.64
CA LYS A 429 -11.92 -9.11 -19.63
C LYS A 429 -12.94 -8.39 -20.54
N LYS A 430 -14.09 -8.98 -20.80
CA LYS A 430 -15.16 -8.23 -21.55
C LYS A 430 -15.67 -6.99 -20.86
N GLY A 431 -16.04 -7.15 -19.58
CA GLY A 431 -16.54 -6.02 -18.80
C GLY A 431 -15.53 -4.91 -18.68
N PHE A 432 -14.26 -5.31 -18.46
CA PHE A 432 -13.15 -4.34 -18.32
C PHE A 432 -12.98 -3.52 -19.61
N ASP A 433 -13.08 -4.20 -20.75
CA ASP A 433 -12.99 -3.54 -22.06
C ASP A 433 -14.13 -2.55 -22.25
N ILE A 434 -15.34 -2.94 -21.90
CA ILE A 434 -16.49 -1.99 -21.93
C ILE A 434 -16.23 -0.76 -21.10
N TYR A 435 -15.69 -0.97 -19.88
CA TYR A 435 -15.33 0.17 -19.00
C TYR A 435 -14.31 1.13 -19.65
N ILE A 436 -13.23 0.56 -20.19
CA ILE A 436 -12.16 1.34 -20.76
C ILE A 436 -12.72 2.06 -21.98
N LYS A 437 -13.44 1.34 -22.81
CA LYS A 437 -13.95 1.91 -24.08
C LYS A 437 -14.94 3.05 -23.84
N LYS A 438 -15.87 2.83 -22.93
CA LYS A 438 -16.87 3.85 -22.62
C LYS A 438 -16.33 5.14 -22.02
N ASN A 439 -15.35 5.02 -21.12
CA ASN A 439 -14.88 6.13 -20.35
C ASN A 439 -13.54 6.74 -20.73
N ASP A 440 -12.95 6.28 -21.83
CA ASP A 440 -11.59 6.65 -22.23
C ASP A 440 -11.62 8.11 -22.48
N GLY A 441 -10.65 8.83 -21.97
CA GLY A 441 -10.55 10.27 -22.16
C GLY A 441 -11.34 11.18 -21.26
N ASN A 442 -11.91 10.58 -20.23
CA ASN A 442 -12.92 11.22 -19.42
C ASN A 442 -12.70 10.87 -17.98
N THR A 443 -13.51 11.49 -17.13
CA THR A 443 -13.68 11.11 -15.77
C THR A 443 -14.67 9.99 -15.64
N ALA A 444 -14.60 9.28 -14.51
CA ALA A 444 -15.54 8.20 -14.30
C ALA A 444 -15.80 8.04 -12.80
N THR A 445 -16.86 7.25 -12.47
CA THR A 445 -17.25 7.00 -11.09
C THR A 445 -17.23 5.48 -10.84
N CYS A 446 -17.27 5.09 -9.55
CA CYS A 446 -17.37 3.68 -9.22
C CYS A 446 -18.57 3.08 -9.87
N GLU A 447 -19.70 3.81 -10.01
CA GLU A 447 -20.88 3.20 -10.62
C GLU A 447 -20.65 2.89 -12.08
N ASP A 448 -19.85 3.72 -12.74
CA ASP A 448 -19.45 3.41 -14.11
C ASP A 448 -18.82 2.01 -14.22
N PHE A 449 -17.92 1.69 -13.32
CA PHE A 449 -17.26 0.40 -13.37
C PHE A 449 -18.26 -0.75 -13.14
N ASN A 450 -19.17 -0.56 -12.18
CA ASN A 450 -20.13 -1.57 -11.84
C ASN A 450 -21.09 -1.83 -12.96
N TYR A 451 -21.49 -0.76 -13.64
CA TYR A 451 -22.36 -0.86 -14.80
C TYR A 451 -21.71 -1.66 -15.90
N ALA A 452 -20.41 -1.45 -16.11
CA ALA A 452 -19.65 -2.23 -17.09
C ALA A 452 -19.60 -3.66 -16.75
N MET A 453 -19.32 -4.00 -15.47
CA MET A 453 -19.27 -5.36 -15.06
C MET A 453 -20.64 -5.99 -15.10
N GLU A 454 -21.64 -5.17 -14.86
CA GLU A 454 -23.03 -5.64 -14.92
C GLU A 454 -23.38 -6.06 -16.37
N GLN A 455 -22.88 -5.31 -17.35
CA GLN A 455 -23.14 -5.65 -18.76
C GLN A 455 -22.55 -7.02 -19.02
N ALA A 456 -21.30 -7.26 -18.59
CA ALA A 456 -20.66 -8.56 -18.73
C ALA A 456 -21.37 -9.69 -17.99
N TYR A 457 -21.80 -9.41 -16.75
CA TYR A 457 -22.64 -10.35 -15.96
C TYR A 457 -23.92 -10.85 -16.68
N LYS A 458 -24.68 -9.89 -17.23
CA LYS A 458 -25.93 -10.16 -18.03
C LYS A 458 -25.54 -11.10 -19.17
N MET A 459 -24.45 -10.79 -19.89
CA MET A 459 -23.96 -11.67 -20.99
C MET A 459 -23.67 -13.06 -20.45
N LYS A 460 -23.01 -13.16 -19.30
CA LYS A 460 -22.70 -14.47 -18.73
C LYS A 460 -23.94 -15.27 -18.24
N LYS A 461 -24.92 -14.60 -17.68
CA LYS A 461 -26.11 -15.30 -17.22
C LYS A 461 -27.12 -15.47 -18.37
N ALA A 462 -26.83 -14.91 -19.54
CA ALA A 462 -27.73 -14.94 -20.69
C ALA A 462 -29.12 -14.36 -20.38
N ASP A 463 -29.15 -13.43 -19.43
CA ASP A 463 -30.36 -12.92 -18.76
C ASP A 463 -30.14 -11.44 -18.50
N ASN A 464 -30.94 -10.61 -19.20
CA ASN A 464 -30.96 -9.13 -19.04
C ASN A 464 -31.68 -8.66 -17.78
N SER A 465 -32.27 -9.56 -17.02
CA SER A 465 -32.87 -9.24 -15.73
C SER A 465 -31.85 -9.34 -14.57
N ALA A 466 -30.77 -10.10 -14.74
CA ALA A 466 -29.65 -10.14 -13.76
C ALA A 466 -29.00 -8.77 -13.65
N ASN A 467 -28.64 -8.37 -12.43
CA ASN A 467 -28.13 -7.04 -12.16
C ASN A 467 -27.09 -7.15 -11.06
N LEU A 468 -26.22 -6.16 -10.94
CA LEU A 468 -25.28 -6.13 -9.84
C LEU A 468 -25.55 -4.95 -8.90
N ASN A 469 -26.83 -4.57 -8.75
CA ASN A 469 -27.21 -3.51 -7.83
CA ASN A 469 -27.19 -3.49 -7.84
C ASN A 469 -26.68 -3.79 -6.44
N GLN A 470 -26.84 -5.06 -6.00
CA GLN A 470 -26.49 -5.49 -4.63
C GLN A 470 -24.99 -5.35 -4.48
N TYR A 471 -24.30 -5.54 -5.61
CA TYR A 471 -22.81 -5.51 -5.54
C TYR A 471 -22.32 -4.10 -5.12
N LEU A 472 -23.11 -3.04 -5.36
CA LEU A 472 -22.70 -1.68 -4.98
C LEU A 472 -22.45 -1.47 -3.48
N LEU A 473 -23.02 -2.32 -2.66
CA LEU A 473 -22.87 -2.30 -1.25
C LEU A 473 -21.42 -2.60 -0.86
N TRP A 474 -20.67 -3.25 -1.75
CA TRP A 474 -19.24 -3.33 -1.45
C TRP A 474 -18.52 -1.98 -1.46
N PHE A 475 -19.08 -1.04 -2.19
CA PHE A 475 -18.59 0.31 -2.19
C PHE A 475 -19.03 1.23 -1.07
N SER A 476 -20.27 1.03 -0.59
CA SER A 476 -20.91 1.95 0.32
C SER A 476 -20.89 1.47 1.75
N GLN A 477 -20.87 0.16 1.99
CA GLN A 477 -20.98 -0.35 3.34
C GLN A 477 -19.62 -0.63 3.98
N SER A 478 -19.43 -0.03 5.15
CA SER A 478 -18.11 -0.27 5.87
C SER A 478 -18.19 -1.54 6.71
N GLY A 479 -17.02 -1.95 7.21
CA GLY A 479 -16.90 -3.07 8.09
C GLY A 479 -16.68 -4.38 7.33
N THR A 480 -16.02 -5.30 8.06
CA THR A 480 -15.74 -6.61 7.52
C THR A 480 -16.87 -7.64 7.83
N PRO A 481 -17.44 -8.31 6.76
CA PRO A 481 -18.43 -9.35 6.99
C PRO A 481 -17.77 -10.52 7.68
N HIS A 482 -18.57 -11.21 8.50
CA HIS A 482 -18.25 -12.47 9.11
C HIS A 482 -19.05 -13.58 8.44
N VAL A 483 -18.39 -14.56 7.89
CA VAL A 483 -19.04 -15.66 7.22
C VAL A 483 -18.80 -16.94 8.01
N SER A 484 -19.94 -17.55 8.44
CA SER A 484 -19.85 -18.73 9.30
C SER A 484 -20.60 -19.89 8.62
N PHE A 485 -20.30 -21.08 9.10
CA PHE A 485 -20.64 -22.34 8.40
C PHE A 485 -21.13 -23.44 9.34
N LYS A 486 -22.17 -24.16 8.87
CA LYS A 486 -22.65 -25.39 9.55
C LYS A 486 -22.78 -26.49 8.49
N TYR A 487 -22.40 -27.72 8.85
CA TYR A 487 -22.34 -28.83 7.88
C TYR A 487 -23.25 -30.01 8.29
N ASN A 488 -23.80 -30.69 7.29
CA ASN A 488 -24.54 -31.93 7.49
C ASN A 488 -24.17 -32.88 6.34
N TYR A 489 -24.06 -34.16 6.66
CA TYR A 489 -23.79 -35.17 5.68
C TYR A 489 -24.75 -36.34 5.99
N ASP A 490 -25.49 -36.74 4.96
CA ASP A 490 -26.39 -37.92 4.93
C ASP A 490 -25.61 -39.09 4.18
N ALA A 491 -24.96 -39.94 4.98
CA ALA A 491 -24.16 -41.10 4.55
C ALA A 491 -24.88 -41.99 3.55
N GLU A 492 -26.13 -42.29 3.82
CA GLU A 492 -26.93 -43.15 2.97
C GLU A 492 -27.41 -42.47 1.68
N LYS A 493 -27.78 -41.19 1.73
CA LYS A 493 -28.18 -40.45 0.51
C LYS A 493 -26.93 -39.92 -0.26
N LYS A 494 -25.76 -40.04 0.33
CA LYS A 494 -24.54 -39.51 -0.25
C LYS A 494 -24.64 -38.00 -0.50
N GLN A 495 -25.23 -37.31 0.51
CA GLN A 495 -25.65 -35.90 0.34
C GLN A 495 -25.02 -35.01 1.40
N TYR A 496 -24.40 -33.91 0.94
CA TYR A 496 -23.75 -32.94 1.83
C TYR A 496 -24.27 -31.55 1.69
N SER A 497 -24.49 -30.90 2.83
CA SER A 497 -24.96 -29.53 2.86
C SER A 497 -23.96 -28.60 3.65
N ILE A 498 -23.79 -27.42 3.09
CA ILE A 498 -23.08 -26.31 3.73
C ILE A 498 -24.08 -25.16 3.91
N HIS A 499 -24.35 -24.89 5.17
CA HIS A 499 -25.23 -23.81 5.54
C HIS A 499 -24.34 -22.58 5.91
N VAL A 500 -24.59 -21.47 5.26
CA VAL A 500 -23.75 -20.28 5.38
C VAL A 500 -24.53 -19.10 5.86
N ASN A 501 -23.92 -18.37 6.78
CA ASN A 501 -24.46 -17.15 7.28
C ASN A 501 -23.45 -16.01 7.13
N GLN A 502 -23.95 -14.84 6.80
CA GLN A 502 -23.07 -13.61 6.83
C GLN A 502 -23.68 -12.57 7.78
N TYR A 503 -22.80 -11.84 8.40
CA TYR A 503 -23.12 -10.79 9.34
C TYR A 503 -22.06 -9.71 9.25
N THR A 504 -22.44 -8.43 9.18
CA THR A 504 -21.49 -7.31 9.34
C THR A 504 -21.94 -6.53 10.60
N LYS A 505 -21.04 -6.22 11.46
CA LYS A 505 -21.33 -5.53 12.75
C LYS A 505 -21.76 -4.07 12.44
N PRO A 506 -22.95 -3.59 12.93
CA PRO A 506 -23.30 -2.17 12.81
C PRO A 506 -22.19 -1.26 13.30
N ASP A 507 -22.10 -0.07 12.70
CA ASP A 507 -21.05 0.89 13.04
C ASP A 507 -21.53 2.32 12.87
N GLU A 508 -20.62 3.26 12.88
CA GLU A 508 -21.00 4.68 12.68
C GLU A 508 -21.49 5.03 11.32
N ASN A 509 -21.10 4.24 10.33
CA ASN A 509 -21.52 4.53 8.97
C ASN A 509 -22.88 3.96 8.60
N GLN A 510 -23.25 2.83 9.16
CA GLN A 510 -24.55 2.23 8.93
C GLN A 510 -25.03 1.56 10.22
N LYS A 511 -26.14 2.05 10.74
CA LYS A 511 -26.72 1.39 11.90
C LYS A 511 -27.37 0.03 11.55
N GLU A 512 -27.76 -0.17 10.28
CA GLU A 512 -28.36 -1.42 9.79
C GLU A 512 -27.53 -1.85 8.57
N LYS A 513 -26.94 -2.98 8.68
CA LYS A 513 -26.09 -3.48 7.59
C LYS A 513 -26.88 -4.45 6.78
N LYS A 514 -26.54 -4.51 5.50
CA LYS A 514 -27.24 -5.35 4.55
C LYS A 514 -26.37 -6.49 4.08
N PRO A 515 -26.99 -7.62 3.72
CA PRO A 515 -26.18 -8.69 3.15
C PRO A 515 -25.50 -8.31 1.80
N LEU A 516 -24.26 -8.74 1.64
CA LEU A 516 -23.45 -8.53 0.40
C LEU A 516 -23.47 -9.70 -0.52
N PHE A 517 -23.02 -9.49 -1.76
CA PHE A 517 -22.89 -10.52 -2.79
C PHE A 517 -21.46 -11.04 -2.45
N ILE A 518 -21.44 -12.20 -1.79
CA ILE A 518 -20.19 -12.86 -1.37
C ILE A 518 -19.91 -14.16 -2.19
N PRO A 519 -18.85 -14.15 -3.04
CA PRO A 519 -18.44 -15.34 -3.72
C PRO A 519 -17.58 -16.24 -2.89
N ILE A 520 -17.98 -17.53 -2.77
CA ILE A 520 -17.31 -18.48 -1.92
C ILE A 520 -16.79 -19.59 -2.78
N SER A 521 -15.49 -19.48 -3.12
CA SER A 521 -14.81 -20.55 -3.88
CA SER A 521 -14.83 -20.56 -3.88
C SER A 521 -14.55 -21.76 -2.97
N VAL A 522 -15.02 -22.94 -3.38
CA VAL A 522 -14.99 -24.11 -2.58
C VAL A 522 -14.50 -25.36 -3.25
N GLY A 523 -13.85 -26.20 -2.45
CA GLY A 523 -13.61 -27.58 -2.82
C GLY A 523 -14.01 -28.49 -1.67
N LEU A 524 -13.99 -29.80 -1.90
CA LEU A 524 -14.36 -30.83 -0.88
C LEU A 524 -13.35 -31.86 -0.94
N ILE A 525 -12.65 -32.07 0.18
CA ILE A 525 -11.55 -33.00 0.25
C ILE A 525 -12.05 -34.29 0.92
N ASN A 526 -11.71 -35.43 0.33
CA ASN A 526 -11.91 -36.74 0.97
C ASN A 526 -10.84 -36.96 2.03
N PRO A 527 -11.23 -37.07 3.32
CA PRO A 527 -10.24 -37.18 4.36
C PRO A 527 -9.51 -38.48 4.46
N GLU A 528 -10.07 -39.56 3.88
CA GLU A 528 -9.34 -40.84 3.86
C GLU A 528 -8.14 -40.80 2.86
N ASN A 529 -8.26 -40.18 1.69
CA ASN A 529 -7.20 -40.17 0.67
C ASN A 529 -6.60 -38.80 0.28
N GLY A 530 -7.16 -37.69 0.75
CA GLY A 530 -6.66 -36.37 0.43
C GLY A 530 -7.06 -35.85 -0.92
N LYS A 531 -8.01 -36.48 -1.60
CA LYS A 531 -8.35 -36.13 -2.96
C LYS A 531 -9.56 -35.21 -3.05
N GLU A 532 -9.57 -34.44 -4.09
CA GLU A 532 -10.68 -33.56 -4.45
C GLU A 532 -11.88 -34.38 -4.82
N MET A 533 -13.04 -33.97 -4.33
CA MET A 533 -14.27 -34.71 -4.58
C MET A 533 -15.24 -34.01 -5.50
N ILE A 534 -15.09 -32.69 -5.75
CA ILE A 534 -15.89 -31.98 -6.70
C ILE A 534 -14.94 -31.10 -7.56
N SER A 535 -15.42 -30.72 -8.72
CA SER A 535 -14.89 -29.59 -9.54
C SER A 535 -14.99 -28.39 -8.60
N GLN A 536 -13.91 -27.62 -8.50
CA GLN A 536 -14.02 -26.38 -7.72
C GLN A 536 -15.22 -25.56 -8.26
N THR A 537 -15.93 -24.95 -7.34
CA THR A 537 -17.06 -24.16 -7.72
C THR A 537 -17.11 -22.94 -6.86
N THR A 538 -17.77 -21.91 -7.34
CA THR A 538 -17.92 -20.64 -6.63
C THR A 538 -19.38 -20.52 -6.24
N LEU A 539 -19.64 -20.65 -4.94
CA LEU A 539 -20.99 -20.43 -4.37
C LEU A 539 -21.26 -18.97 -4.32
N GLU A 540 -22.45 -18.52 -4.70
CA GLU A 540 -22.71 -17.14 -4.64
C GLU A 540 -23.72 -16.90 -3.51
N LEU A 541 -23.24 -16.44 -2.38
CA LEU A 541 -24.11 -16.13 -1.24
C LEU A 541 -24.65 -14.69 -1.40
N THR A 542 -25.99 -14.48 -1.53
CA THR A 542 -26.47 -13.12 -1.62
C THR A 542 -27.48 -12.76 -0.50
N LYS A 543 -27.88 -13.76 0.25
CA LYS A 543 -28.76 -13.54 1.40
C LYS A 543 -27.98 -13.59 2.67
N GLU A 544 -28.63 -13.25 3.80
CA GLU A 544 -28.03 -13.38 5.09
C GLU A 544 -27.64 -14.77 5.42
N SER A 545 -28.41 -15.75 4.94
CA SER A 545 -28.04 -17.14 5.06
C SER A 545 -28.57 -17.95 3.86
N ASP A 546 -27.93 -19.05 3.59
CA ASP A 546 -28.32 -19.92 2.47
C ASP A 546 -27.72 -21.25 2.73
N THR A 547 -28.37 -22.34 2.25
CA THR A 547 -27.88 -23.68 2.35
C THR A 547 -27.57 -24.24 0.94
N PHE A 548 -26.32 -24.59 0.74
CA PHE A 548 -25.82 -25.21 -0.47
C PHE A 548 -25.69 -26.70 -0.31
N VAL A 549 -26.33 -27.43 -1.24
CA VAL A 549 -26.41 -28.86 -1.14
C VAL A 549 -25.70 -29.55 -2.31
N PHE A 550 -24.95 -30.60 -1.99
CA PHE A 550 -24.22 -31.38 -2.94
C PHE A 550 -24.65 -32.80 -2.91
N ASN A 551 -24.92 -33.35 -4.10
CA ASN A 551 -25.21 -34.78 -4.24
C ASN A 551 -23.99 -35.57 -4.74
N ASN A 552 -24.10 -36.90 -4.62
CA ASN A 552 -23.06 -37.85 -5.01
C ASN A 552 -21.70 -37.58 -4.36
N ILE A 553 -21.80 -37.32 -3.08
CA ILE A 553 -20.64 -37.11 -2.25
C ILE A 553 -20.50 -38.37 -1.51
N ALA A 554 -19.46 -39.12 -1.93
CA ALA A 554 -19.32 -40.53 -1.52
C ALA A 554 -18.95 -40.83 -0.08
N VAL A 555 -18.22 -39.92 0.56
CA VAL A 555 -17.87 -40.04 1.96
C VAL A 555 -18.08 -38.65 2.59
N LYS A 556 -18.03 -38.56 3.90
CA LYS A 556 -18.15 -37.27 4.57
C LYS A 556 -16.88 -36.44 4.25
N PRO A 557 -17.06 -35.26 3.60
CA PRO A 557 -15.90 -34.52 3.20
C PRO A 557 -15.38 -33.59 4.30
N ILE A 558 -14.21 -33.01 4.02
CA ILE A 558 -13.82 -31.80 4.66
C ILE A 558 -13.85 -30.65 3.67
N PRO A 559 -14.55 -29.54 4.02
CA PRO A 559 -14.72 -28.49 3.06
C PRO A 559 -13.47 -27.60 3.01
N SER A 560 -13.13 -27.16 1.78
CA SER A 560 -12.01 -26.24 1.52
C SER A 560 -12.71 -24.91 1.14
N LEU A 561 -12.72 -23.97 2.08
CA LEU A 561 -13.57 -22.79 2.01
C LEU A 561 -12.85 -21.51 1.67
N PHE A 562 -13.45 -20.70 0.80
CA PHE A 562 -12.82 -19.44 0.41
C PHE A 562 -11.46 -19.60 -0.24
N ARG A 563 -11.39 -20.56 -1.14
CA ARG A 563 -10.15 -20.77 -1.92
C ARG A 563 -9.61 -19.53 -2.55
N GLY A 564 -8.31 -19.29 -2.40
CA GLY A 564 -7.67 -18.05 -2.89
C GLY A 564 -8.10 -16.81 -2.14
N PHE A 565 -8.75 -17.00 -0.99
CA PHE A 565 -9.36 -15.94 -0.17
C PHE A 565 -10.33 -15.17 -1.02
N SER A 566 -11.44 -15.86 -1.35
CA SER A 566 -12.34 -15.38 -2.42
C SER A 566 -13.24 -14.18 -2.08
N ALA A 567 -13.32 -13.73 -0.86
CA ALA A 567 -14.00 -12.53 -0.45
C ALA A 567 -13.33 -11.98 0.82
N PRO A 568 -13.36 -10.63 1.03
CA PRO A 568 -12.64 -10.02 2.13
C PRO A 568 -13.44 -10.07 3.43
N VAL A 569 -13.40 -11.22 4.06
CA VAL A 569 -14.25 -11.55 5.21
C VAL A 569 -13.58 -12.24 6.29
N TYR A 570 -14.18 -12.17 7.48
CA TYR A 570 -13.78 -13.05 8.59
C TYR A 570 -14.38 -14.47 8.39
N ILE A 571 -13.54 -15.46 8.27
CA ILE A 571 -14.00 -16.83 7.95
C ILE A 571 -14.06 -17.56 9.22
N GLU A 572 -15.25 -18.07 9.51
CA GLU A 572 -15.43 -18.89 10.69
C GLU A 572 -15.75 -20.32 10.18
N ASP A 573 -14.73 -21.15 10.08
CA ASP A 573 -14.79 -22.44 9.33
C ASP A 573 -15.53 -23.51 10.15
N ASN A 574 -15.60 -23.34 11.48
CA ASN A 574 -16.28 -24.35 12.24
C ASN A 574 -15.72 -25.77 12.10
N LEU A 575 -14.42 -25.84 11.87
CA LEU A 575 -13.72 -27.08 11.69
C LEU A 575 -12.98 -27.41 12.93
N THR A 576 -12.87 -28.71 13.20
CA THR A 576 -11.92 -29.20 14.25
C THR A 576 -10.51 -29.01 13.91
N ASP A 577 -9.64 -29.06 14.89
CA ASP A 577 -8.24 -29.00 14.52
C ASP A 577 -7.74 -30.19 13.67
N GLU A 578 -8.32 -31.35 13.97
CA GLU A 578 -8.09 -32.54 13.19
C GLU A 578 -8.43 -32.30 11.68
N GLU A 579 -9.59 -31.71 11.43
CA GLU A 579 -9.99 -31.38 10.07
C GLU A 579 -9.03 -30.38 9.45
N ARG A 580 -8.62 -29.37 10.23
CA ARG A 580 -7.76 -28.33 9.73
C ARG A 580 -6.39 -28.89 9.44
N ILE A 581 -5.93 -29.83 10.25
CA ILE A 581 -4.70 -30.50 9.95
C ILE A 581 -4.74 -31.27 8.61
N LEU A 582 -5.82 -31.99 8.38
CA LEU A 582 -6.01 -32.69 7.14
C LEU A 582 -6.00 -31.73 5.93
N LEU A 583 -6.67 -30.57 6.06
CA LEU A 583 -6.52 -29.57 5.00
C LEU A 583 -5.07 -29.10 4.84
N LEU A 584 -4.42 -28.81 5.95
CA LEU A 584 -3.07 -28.26 5.85
C LEU A 584 -2.16 -29.22 5.09
N LYS A 585 -2.38 -30.51 5.31
CA LYS A 585 -1.49 -31.52 4.71
C LYS A 585 -1.90 -31.79 3.26
N TYR A 586 -3.22 -31.85 2.94
CA TYR A 586 -3.66 -32.45 1.69
C TYR A 586 -4.50 -31.57 0.75
N ASP A 587 -4.95 -30.38 1.21
CA ASP A 587 -5.74 -29.55 0.32
C ASP A 587 -4.80 -29.05 -0.79
N SER A 588 -5.40 -28.69 -1.88
CA SER A 588 -4.76 -28.11 -3.06
C SER A 588 -4.54 -26.60 -2.99
N ASP A 589 -5.35 -25.88 -2.23
CA ASP A 589 -5.30 -24.45 -2.25
C ASP A 589 -4.43 -23.91 -1.14
N ALA A 590 -3.45 -23.12 -1.56
CA ALA A 590 -2.49 -22.53 -0.64
C ALA A 590 -3.07 -21.69 0.45
N PHE A 591 -4.07 -20.89 0.08
CA PHE A 591 -4.73 -20.03 1.07
C PHE A 591 -5.43 -20.96 2.10
N VAL A 592 -6.24 -21.95 1.68
CA VAL A 592 -7.02 -22.73 2.66
C VAL A 592 -6.02 -23.49 3.58
N ARG A 593 -4.99 -23.98 3.04
CA ARG A 593 -3.95 -24.62 3.84
C ARG A 593 -3.37 -23.66 4.86
N TYR A 594 -2.92 -22.52 4.43
CA TYR A 594 -2.42 -21.49 5.32
C TYR A 594 -3.51 -21.06 6.35
N ASN A 595 -4.77 -20.79 5.91
CA ASN A 595 -5.79 -20.35 6.79
C ASN A 595 -6.12 -21.41 7.86
N SER A 596 -6.07 -22.71 7.48
CA SER A 596 -6.31 -23.81 8.39
C SER A 596 -5.25 -23.79 9.48
N CYS A 597 -4.01 -23.60 9.06
CA CYS A 597 -2.90 -23.42 9.99
C CYS A 597 -3.17 -22.18 10.89
N THR A 598 -3.45 -20.99 10.29
CA THR A 598 -3.72 -19.80 11.05
C THR A 598 -4.81 -20.07 12.09
N ASN A 599 -5.86 -20.78 11.72
CA ASN A 599 -6.94 -21.03 12.69
C ASN A 599 -6.55 -21.93 13.82
N ILE A 600 -5.71 -22.92 13.57
CA ILE A 600 -5.19 -23.74 14.63
C ILE A 600 -4.43 -22.84 15.61
N TYR A 601 -3.47 -22.06 15.08
CA TYR A 601 -2.74 -21.11 15.92
C TYR A 601 -3.66 -20.20 16.68
N MET A 602 -4.73 -19.67 16.01
CA MET A 602 -5.55 -18.72 16.72
C MET A 602 -6.32 -19.33 17.85
N LYS A 603 -6.81 -20.56 17.69
CA LYS A 603 -7.50 -21.21 18.78
C LYS A 603 -6.54 -21.36 19.97
N GLN A 604 -5.33 -21.80 19.67
CA GLN A 604 -4.31 -21.98 20.71
C GLN A 604 -4.01 -20.62 21.41
N ILE A 605 -3.76 -19.58 20.62
CA ILE A 605 -3.46 -18.25 21.19
C ILE A 605 -4.59 -17.77 22.12
N LEU A 606 -5.83 -17.81 21.63
CA LEU A 606 -6.91 -17.35 22.42
C LEU A 606 -7.03 -18.12 23.79
N MET A 607 -6.78 -19.42 23.69
CA MET A 607 -6.84 -20.28 24.86
C MET A 607 -5.75 -19.97 25.91
N ASN A 608 -4.52 -19.88 25.43
CA ASN A 608 -3.36 -19.64 26.33
C ASN A 608 -3.45 -18.18 26.83
N TYR A 609 -3.87 -17.23 25.95
CA TYR A 609 -4.09 -15.82 26.37
C TYR A 609 -5.04 -15.77 27.55
N ASN A 610 -6.16 -16.49 27.47
CA ASN A 610 -7.16 -16.51 28.50
C ASN A 610 -6.58 -17.12 29.75
N GLU A 611 -5.73 -18.13 29.63
CA GLU A 611 -5.14 -18.80 30.81
C GLU A 611 -4.16 -17.93 31.53
N PHE A 612 -3.26 -17.30 30.77
CA PHE A 612 -2.31 -16.31 31.32
C PHE A 612 -3.03 -15.09 31.89
N LEU A 613 -4.14 -14.69 31.28
CA LEU A 613 -4.88 -13.51 31.75
C LEU A 613 -5.56 -13.80 33.08
N LYS A 614 -6.19 -14.95 33.22
CA LYS A 614 -6.83 -15.31 34.49
C LYS A 614 -5.74 -15.40 35.55
N ALA A 615 -4.60 -15.95 35.20
CA ALA A 615 -3.50 -16.06 36.19
C ALA A 615 -3.05 -14.70 36.69
N LYS A 616 -2.95 -13.76 35.79
CA LYS A 616 -2.44 -12.43 36.13
C LYS A 616 -3.44 -11.74 36.99
N ASN A 617 -4.71 -11.71 36.57
CA ASN A 617 -5.69 -10.93 37.25
C ASN A 617 -6.07 -11.49 38.61
N GLU A 618 -6.01 -12.82 38.75
CA GLU A 618 -6.38 -13.46 40.01
C GLU A 618 -5.12 -13.73 40.89
N LYS A 619 -3.95 -13.32 40.41
CA LYS A 619 -2.64 -13.42 41.11
C LYS A 619 -2.45 -14.82 41.60
N LEU A 620 -2.61 -15.77 40.69
CA LEU A 620 -2.54 -17.19 41.05
C LEU A 620 -1.08 -17.52 41.34
N GLU A 621 -0.87 -18.44 42.29
CA GLU A 621 0.48 -18.96 42.55
C GLU A 621 0.86 -20.12 41.63
N SER A 622 -0.15 -20.77 41.06
CA SER A 622 -0.04 -21.86 40.10
C SER A 622 -1.25 -21.94 39.17
N PHE A 623 -1.02 -22.50 38.00
CA PHE A 623 -2.07 -22.69 37.06
C PHE A 623 -1.56 -23.59 35.93
N ASN A 624 -2.47 -23.93 35.02
CA ASN A 624 -2.13 -24.75 33.85
C ASN A 624 -2.21 -23.96 32.53
N LEU A 625 -1.41 -24.39 31.61
CA LEU A 625 -1.55 -23.96 30.20
C LEU A 625 -1.88 -25.11 29.28
N THR A 626 -2.82 -24.90 28.36
CA THR A 626 -3.14 -25.89 27.38
C THR A 626 -1.93 -26.06 26.44
N PRO A 627 -1.39 -27.28 26.27
CA PRO A 627 -0.30 -27.50 25.33
C PRO A 627 -0.69 -27.36 23.85
N VAL A 628 0.26 -27.01 23.01
CA VAL A 628 0.08 -27.01 21.55
C VAL A 628 -0.31 -28.42 21.10
N ASN A 629 -1.32 -28.52 20.24
CA ASN A 629 -1.75 -29.76 19.63
C ASN A 629 -0.54 -30.50 19.00
N ALA A 630 -0.32 -31.74 19.51
CA ALA A 630 0.84 -32.55 19.10
C ALA A 630 0.81 -33.05 17.67
N GLN A 631 -0.40 -33.31 17.17
CA GLN A 631 -0.61 -33.76 15.79
C GLN A 631 -0.33 -32.58 14.87
N PHE A 632 -0.71 -31.36 15.28
CA PHE A 632 -0.38 -30.15 14.51
C PHE A 632 1.09 -29.98 14.36
N ILE A 633 1.80 -30.17 15.47
CA ILE A 633 3.22 -30.16 15.43
C ILE A 633 3.79 -31.19 14.46
N ASP A 634 3.27 -32.40 14.55
CA ASP A 634 3.76 -33.50 13.65
C ASP A 634 3.50 -33.03 12.21
N ALA A 635 2.34 -32.40 11.97
CA ALA A 635 1.99 -32.03 10.62
C ALA A 635 3.00 -30.95 10.09
N ILE A 636 3.41 -30.05 10.96
CA ILE A 636 4.42 -29.04 10.60
C ILE A 636 5.73 -29.70 10.19
N LYS A 637 6.10 -30.67 10.98
CA LYS A 637 7.33 -31.45 10.76
C LYS A 637 7.29 -32.15 9.41
N TYR A 638 6.20 -32.86 9.16
CA TYR A 638 6.01 -33.56 7.90
C TYR A 638 6.15 -32.57 6.76
N LEU A 639 5.53 -31.40 6.90
CA LEU A 639 5.58 -30.43 5.79
C LEU A 639 6.98 -29.97 5.64
N LEU A 640 7.61 -29.59 6.73
CA LEU A 640 8.96 -29.08 6.63
C LEU A 640 9.97 -30.06 5.97
N GLU A 641 9.76 -31.34 6.23
CA GLU A 641 10.72 -32.38 5.83
C GLU A 641 10.44 -32.85 4.41
N ASP A 642 9.31 -32.41 3.82
CA ASP A 642 8.96 -32.77 2.48
C ASP A 642 9.85 -31.95 1.50
N PRO A 643 10.82 -32.62 0.79
CA PRO A 643 11.69 -31.82 -0.10
C PRO A 643 10.97 -31.29 -1.33
N HIS A 644 9.78 -31.79 -1.62
CA HIS A 644 8.97 -31.22 -2.68
C HIS A 644 7.98 -30.23 -2.26
N ALA A 645 7.96 -29.83 -0.99
CA ALA A 645 7.04 -28.79 -0.56
C ALA A 645 7.68 -27.39 -0.75
N ASP A 646 6.84 -26.36 -0.95
CA ASP A 646 7.33 -25.04 -1.31
C ASP A 646 7.94 -24.28 -0.10
N ALA A 647 9.17 -23.80 -0.25
CA ALA A 647 9.86 -23.10 0.80
C ALA A 647 9.15 -21.83 1.27
N GLY A 648 8.59 -21.05 0.36
CA GLY A 648 7.87 -19.89 0.83
C GLY A 648 6.69 -20.28 1.72
N PHE A 649 5.91 -21.30 1.32
CA PHE A 649 4.77 -21.75 2.12
C PHE A 649 5.20 -22.22 3.50
N LYS A 650 6.36 -22.91 3.56
CA LYS A 650 6.82 -23.36 4.78
C LYS A 650 7.12 -22.23 5.80
N SER A 651 7.63 -21.11 5.32
CA SER A 651 7.92 -20.00 6.20
C SER A 651 6.65 -19.45 6.83
N TYR A 652 5.51 -19.46 6.07
CA TYR A 652 4.24 -19.07 6.66
C TYR A 652 3.78 -20.03 7.78
N ILE A 653 4.03 -21.31 7.65
CA ILE A 653 3.48 -22.25 8.59
C ILE A 653 4.21 -22.20 9.93
N VAL A 654 5.53 -21.90 9.93
CA VAL A 654 6.25 -21.82 11.20
C VAL A 654 6.16 -20.44 11.93
N SER A 655 5.37 -19.50 11.35
CA SER A 655 5.27 -18.21 11.94
C SER A 655 3.87 -18.07 12.49
N LEU A 656 3.76 -17.50 13.69
CA LEU A 656 2.42 -17.30 14.26
C LEU A 656 1.79 -16.17 13.51
N PRO A 657 0.46 -16.13 13.61
CA PRO A 657 -0.21 -14.95 13.05
C PRO A 657 0.27 -13.59 13.58
N GLN A 658 0.27 -12.58 12.71
CA GLN A 658 0.67 -11.23 13.15
C GLN A 658 -0.08 -10.70 14.35
N ASP A 659 0.58 -9.87 15.18
CA ASP A 659 -0.08 -9.26 16.29
C ASP A 659 -1.33 -8.45 15.84
N ARG A 660 -1.23 -7.70 14.76
CA ARG A 660 -2.40 -6.92 14.32
C ARG A 660 -3.58 -7.74 13.74
N TYR A 661 -3.32 -9.00 13.41
CA TYR A 661 -4.40 -9.96 13.12
C TYR A 661 -5.07 -10.46 14.39
N ILE A 662 -4.26 -10.87 15.33
CA ILE A 662 -4.73 -11.43 16.58
C ILE A 662 -5.63 -10.49 17.32
N ILE A 663 -5.24 -9.23 17.35
CA ILE A 663 -5.90 -8.18 18.11
C ILE A 663 -7.32 -8.00 17.63
N ASN A 664 -7.60 -8.37 16.36
CA ASN A 664 -9.02 -8.37 15.92
C ASN A 664 -9.94 -9.31 16.70
N PHE A 665 -9.33 -10.26 17.43
CA PHE A 665 -10.09 -11.32 18.11
C PHE A 665 -10.13 -11.17 19.62
N VAL A 666 -9.60 -10.09 20.15
CA VAL A 666 -9.40 -9.95 21.60
C VAL A 666 -9.82 -8.58 21.98
N SER A 667 -10.71 -8.48 22.99
CA SER A 667 -11.12 -7.14 23.53
C SER A 667 -10.31 -6.86 24.76
N ASN A 668 -9.99 -5.59 24.94
CA ASN A 668 -9.18 -5.15 26.04
C ASN A 668 -7.89 -5.91 26.12
N LEU A 669 -7.21 -5.99 24.98
CA LEU A 669 -5.96 -6.73 24.87
C LEU A 669 -4.89 -6.23 25.76
N ASP A 670 -4.36 -7.09 26.65
CA ASP A 670 -3.16 -6.94 27.41
C ASP A 670 -1.97 -7.45 26.62
N THR A 671 -1.18 -6.53 26.09
CA THR A 671 -0.17 -6.81 25.13
C THR A 671 0.94 -7.65 25.79
N ASP A 672 1.07 -7.47 27.09
CA ASP A 672 2.13 -8.27 27.81
C ASP A 672 1.73 -9.75 27.92
N VAL A 673 0.47 -9.99 28.18
CA VAL A 673 -0.11 -11.30 28.24
C VAL A 673 0.00 -11.94 26.87
N LEU A 674 -0.26 -11.16 25.80
CA LEU A 674 -0.10 -11.72 24.48
C LEU A 674 1.34 -12.09 24.21
N ALA A 675 2.26 -11.20 24.53
CA ALA A 675 3.66 -11.53 24.38
C ALA A 675 4.04 -12.84 25.12
N ASP A 676 3.54 -13.02 26.31
CA ASP A 676 3.81 -14.29 27.01
C ASP A 676 3.18 -15.51 26.31
N THR A 677 1.99 -15.28 25.72
CA THR A 677 1.27 -16.33 24.99
C THR A 677 2.07 -16.77 23.77
N LYS A 678 2.54 -15.82 22.99
CA LYS A 678 3.34 -16.13 21.81
C LYS A 678 4.69 -16.82 22.16
N GLU A 679 5.31 -16.36 23.20
CA GLU A 679 6.58 -16.98 23.62
C GLU A 679 6.36 -18.42 24.07
N TYR A 680 5.36 -18.67 24.88
CA TYR A 680 4.99 -20.07 25.23
C TYR A 680 4.77 -20.97 24.03
N ILE A 681 3.95 -20.54 23.06
CA ILE A 681 3.65 -21.35 21.94
C ILE A 681 4.88 -21.62 21.02
N TYR A 682 5.65 -20.61 20.76
CA TYR A 682 6.88 -20.75 19.99
C TYR A 682 7.85 -21.72 20.72
N LYS A 683 7.88 -21.67 22.04
CA LYS A 683 8.82 -22.56 22.77
C LYS A 683 8.33 -23.99 22.75
N GLN A 684 7.03 -24.20 22.87
CA GLN A 684 6.46 -25.54 22.79
C GLN A 684 6.74 -26.17 21.48
N ILE A 685 6.55 -25.41 20.38
CA ILE A 685 6.84 -25.93 19.05
C ILE A 685 8.33 -26.20 18.90
N GLY A 686 9.13 -25.21 19.26
CA GLY A 686 10.61 -25.35 19.14
C GLY A 686 11.19 -26.48 19.94
N ASP A 687 10.67 -26.73 21.14
CA ASP A 687 11.16 -27.85 21.98
C ASP A 687 10.98 -29.20 21.27
N LYS A 688 9.99 -29.29 20.38
CA LYS A 688 9.79 -30.46 19.51
C LYS A 688 10.55 -30.40 18.17
N LEU A 689 10.58 -29.25 17.49
CA LEU A 689 11.07 -29.17 16.18
C LEU A 689 12.45 -28.54 15.93
N ASN A 690 13.17 -28.09 16.96
CA ASN A 690 14.41 -27.34 16.68
C ASN A 690 15.47 -28.10 15.88
N ASP A 691 15.55 -29.41 16.09
CA ASP A 691 16.55 -30.20 15.34
C ASP A 691 16.18 -30.29 13.88
N VAL A 692 14.87 -30.33 13.63
CA VAL A 692 14.39 -30.27 12.26
C VAL A 692 14.71 -28.92 11.63
N TYR A 693 14.40 -27.87 12.37
CA TYR A 693 14.72 -26.52 11.92
C TYR A 693 16.19 -26.35 11.54
N TYR A 694 17.09 -26.87 12.42
CA TYR A 694 18.48 -26.79 12.16
C TYR A 694 18.90 -27.63 10.99
N LYS A 695 18.39 -28.88 10.85
CA LYS A 695 18.77 -29.67 9.68
C LYS A 695 18.35 -28.94 8.38
N MET A 696 17.12 -28.41 8.37
CA MET A 696 16.68 -27.67 7.15
C MET A 696 17.42 -26.38 6.87
N PHE A 697 17.75 -25.62 7.92
CA PHE A 697 18.59 -24.44 7.74
C PHE A 697 19.90 -24.78 7.00
N LYS A 698 20.53 -25.88 7.43
CA LYS A 698 21.80 -26.32 6.84
C LYS A 698 21.63 -26.88 5.42
N SER A 699 20.58 -27.68 5.21
CA SER A 699 20.37 -28.33 3.90
C SER A 699 19.91 -27.39 2.79
N LEU A 700 19.30 -26.26 3.16
CA LEU A 700 18.78 -25.29 2.22
C LEU A 700 19.81 -24.35 1.67
N GLU A 701 20.99 -24.36 2.30
CA GLU A 701 22.04 -23.38 2.13
C GLU A 701 22.50 -23.37 0.69
N ALA A 702 22.80 -24.55 0.11
CA ALA A 702 23.33 -24.62 -1.24
C ALA A 702 22.44 -23.95 -2.29
N LYS A 703 21.14 -24.31 -2.32
CA LYS A 703 20.20 -23.76 -3.30
C LYS A 703 19.83 -22.34 -2.90
N ALA A 704 19.68 -22.07 -1.62
CA ALA A 704 19.25 -20.70 -1.18
C ALA A 704 20.22 -19.61 -1.62
N ASP A 705 21.50 -19.93 -1.40
CA ASP A 705 22.57 -18.89 -1.55
C ASP A 705 23.42 -19.08 -2.80
N ASP A 706 23.03 -19.96 -3.67
CA ASP A 706 23.63 -20.07 -4.96
C ASP A 706 23.66 -18.71 -5.73
N LEU A 707 24.83 -18.45 -6.33
CA LEU A 707 25.11 -17.15 -6.94
C LEU A 707 24.78 -17.03 -8.41
N THR A 708 24.03 -17.97 -8.98
CA THR A 708 23.54 -17.85 -10.36
C THR A 708 22.73 -16.56 -10.34
N TYR A 709 23.00 -15.72 -11.37
CA TYR A 709 22.33 -14.45 -11.62
C TYR A 709 22.67 -13.31 -10.68
N PHE A 710 23.65 -13.49 -9.82
CA PHE A 710 24.04 -12.40 -8.95
C PHE A 710 24.53 -11.16 -9.61
N ASN A 711 25.08 -11.30 -10.83
CA ASN A 711 25.41 -10.13 -11.68
C ASN A 711 24.40 -9.75 -12.71
N ASP A 712 23.20 -10.30 -12.65
CA ASP A 712 22.28 -10.07 -13.69
C ASP A 712 21.07 -9.39 -13.02
N GLU A 713 20.93 -8.10 -13.28
CA GLU A 713 19.78 -7.29 -12.75
C GLU A 713 18.57 -7.39 -13.63
N SER A 714 18.52 -8.28 -14.63
CA SER A 714 17.28 -8.40 -15.46
C SER A 714 16.47 -9.59 -15.05
N HIS A 715 17.02 -10.39 -14.16
CA HIS A 715 16.41 -11.67 -13.78
C HIS A 715 16.45 -11.95 -12.29
N VAL A 716 15.29 -12.33 -11.72
CA VAL A 716 15.23 -12.77 -10.34
C VAL A 716 14.54 -14.11 -10.20
N ASP A 717 15.12 -14.97 -9.42
CA ASP A 717 14.51 -16.25 -9.06
C ASP A 717 13.78 -16.08 -7.70
N PHE A 718 12.48 -15.89 -7.78
CA PHE A 718 11.63 -15.74 -6.60
C PHE A 718 11.49 -16.99 -5.76
N ASP A 719 11.66 -18.18 -6.34
CA ASP A 719 11.64 -19.40 -5.52
C ASP A 719 12.90 -19.42 -4.65
N GLN A 720 14.03 -19.01 -5.26
CA GLN A 720 15.28 -19.04 -4.52
C GLN A 720 15.19 -18.02 -3.40
N MET A 721 14.60 -16.87 -3.68
CA MET A 721 14.36 -15.90 -2.67
C MET A 721 13.53 -16.42 -1.47
N ASN A 722 12.50 -17.22 -1.76
CA ASN A 722 11.67 -17.84 -0.71
C ASN A 722 12.48 -18.85 0.08
N MET A 723 13.50 -19.51 -0.52
CA MET A 723 14.40 -20.36 0.26
C MET A 723 15.20 -19.59 1.25
N ARG A 724 15.68 -18.41 0.85
CA ARG A 724 16.36 -17.54 1.77
C ARG A 724 15.47 -17.04 2.88
N THR A 725 14.24 -16.64 2.54
CA THR A 725 13.27 -16.28 3.59
C THR A 725 13.06 -17.39 4.62
N LEU A 726 12.85 -18.60 4.13
CA LEU A 726 12.71 -19.76 5.03
C LEU A 726 13.98 -19.87 5.89
N ARG A 727 15.16 -19.83 5.27
CA ARG A 727 16.39 -19.97 6.11
C ARG A 727 16.52 -18.92 7.20
N ASN A 728 16.18 -17.69 6.84
CA ASN A 728 16.22 -16.59 7.79
C ASN A 728 15.13 -16.67 8.86
N THR A 729 13.98 -17.22 8.52
CA THR A 729 12.98 -17.46 9.52
C THR A 729 13.44 -18.51 10.52
N LEU A 730 13.88 -19.64 10.03
CA LEU A 730 14.43 -20.74 10.88
C LEU A 730 15.59 -20.26 11.75
N LEU A 731 16.47 -19.43 11.17
CA LEU A 731 17.56 -18.88 11.98
C LEU A 731 17.09 -18.04 13.14
N SER A 732 16.00 -17.29 12.93
CA SER A 732 15.40 -16.50 13.97
C SER A 732 14.88 -17.37 15.06
N LEU A 733 14.08 -18.37 14.70
CA LEU A 733 13.54 -19.30 15.63
C LEU A 733 14.66 -19.99 16.44
N LEU A 734 15.68 -20.48 15.75
CA LEU A 734 16.82 -21.14 16.45
C LEU A 734 17.62 -20.23 17.38
N SER A 735 17.70 -18.96 17.00
CA SER A 735 18.44 -17.96 17.80
C SER A 735 17.74 -17.62 19.09
N LYS A 736 16.44 -17.38 19.01
CA LYS A 736 15.68 -17.16 20.20
C LYS A 736 15.74 -18.33 21.16
N ALA A 737 15.71 -19.55 20.62
CA ALA A 737 15.75 -20.76 21.45
C ALA A 737 17.12 -20.96 22.05
N GLN A 738 18.13 -20.24 21.55
CA GLN A 738 19.55 -20.46 21.98
C GLN A 738 19.98 -21.88 21.62
N TYR A 739 19.70 -22.26 20.39
CA TYR A 739 20.02 -23.59 19.93
C TYR A 739 21.54 -23.81 20.02
N PRO A 740 22.01 -24.98 20.47
CA PRO A 740 23.47 -25.06 20.75
C PRO A 740 24.35 -24.65 19.58
N ASN A 741 25.29 -23.75 19.87
CA ASN A 741 26.28 -23.29 18.87
C ASN A 741 25.75 -22.57 17.68
N ILE A 742 24.47 -22.16 17.72
CA ILE A 742 23.90 -21.41 16.62
C ILE A 742 24.66 -20.13 16.36
N LEU A 743 25.27 -19.60 17.41
CA LEU A 743 26.13 -18.45 17.21
C LEU A 743 27.13 -18.65 16.08
N ASN A 744 27.67 -19.85 15.88
CA ASN A 744 28.57 -20.04 14.72
C ASN A 744 27.89 -19.83 13.39
N GLU A 745 26.68 -20.37 13.27
CA GLU A 745 25.84 -20.23 12.07
C GLU A 745 25.53 -18.72 11.84
N ILE A 746 25.29 -17.94 12.90
CA ILE A 746 24.99 -16.53 12.72
C ILE A 746 26.18 -15.77 12.19
N ILE A 747 27.33 -16.05 12.81
CA ILE A 747 28.57 -15.47 12.34
C ILE A 747 28.84 -15.78 10.91
N GLU A 748 28.66 -17.02 10.50
CA GLU A 748 28.91 -17.34 9.13
C GLU A 748 27.93 -16.63 8.22
N HIS A 749 26.69 -16.54 8.68
CA HIS A 749 25.67 -15.93 7.86
C HIS A 749 25.93 -14.42 7.53
N SER A 750 26.60 -13.77 8.47
CA SER A 750 27.02 -12.40 8.35
C SER A 750 28.08 -12.15 7.24
N LYS A 751 28.70 -13.22 6.73
CA LYS A 751 29.59 -13.18 5.55
C LYS A 751 29.00 -13.49 4.17
N SER A 752 27.70 -13.75 4.10
CA SER A 752 27.06 -13.97 2.87
C SER A 752 27.10 -12.72 2.00
N PRO A 753 27.20 -12.87 0.68
CA PRO A 753 27.07 -11.70 -0.21
C PRO A 753 25.61 -11.18 -0.35
N TYR A 754 24.62 -11.92 0.17
CA TYR A 754 23.22 -11.44 0.12
C TYR A 754 22.81 -10.58 1.35
N PRO A 755 22.50 -9.26 1.14
CA PRO A 755 22.14 -8.43 2.29
C PRO A 755 20.93 -8.98 3.06
N SER A 756 20.02 -9.70 2.39
CA SER A 756 19.00 -10.38 3.21
C SER A 756 19.58 -11.25 4.29
N ASN A 757 20.65 -11.96 3.97
CA ASN A 757 21.30 -12.79 5.00
C ASN A 757 22.09 -11.98 6.05
N TRP A 758 22.98 -11.11 5.57
CA TRP A 758 23.83 -10.43 6.54
C TRP A 758 23.06 -9.45 7.45
N LEU A 759 21.92 -8.90 6.99
CA LEU A 759 21.06 -8.15 7.89
C LEU A 759 20.24 -9.03 8.82
N THR A 760 19.85 -10.24 8.36
CA THR A 760 19.27 -11.23 9.30
C THR A 760 20.27 -11.51 10.39
N SER A 761 21.52 -11.73 10.05
CA SER A 761 22.53 -11.99 11.07
C SER A 761 22.57 -10.98 12.20
N LEU A 762 22.39 -9.70 11.84
CA LEU A 762 22.30 -8.67 12.85
C LEU A 762 21.07 -8.93 13.76
N SER A 763 19.88 -8.99 13.12
CA SER A 763 18.60 -9.25 13.79
C SER A 763 18.65 -10.40 14.83
N VAL A 764 19.13 -11.56 14.40
CA VAL A 764 19.03 -12.76 15.19
C VAL A 764 20.15 -12.72 16.19
N SER A 765 21.22 -11.96 15.92
CA SER A 765 22.24 -11.77 16.95
C SER A 765 21.83 -10.99 18.19
N ALA A 766 20.65 -10.37 18.18
CA ALA A 766 20.06 -9.74 19.36
C ALA A 766 20.07 -10.56 20.64
N TYR A 767 19.96 -11.87 20.50
CA TYR A 767 19.92 -12.76 21.64
C TYR A 767 21.32 -13.19 22.08
N PHE A 768 22.37 -12.54 21.58
CA PHE A 768 23.78 -12.89 21.88
C PHE A 768 24.63 -11.66 22.20
N ASP A 769 25.75 -11.91 22.88
CA ASP A 769 26.72 -10.85 23.25
C ASP A 769 27.39 -10.21 22.05
N LYS A 770 27.27 -10.84 20.89
CA LYS A 770 27.90 -10.39 19.67
C LYS A 770 27.11 -9.34 18.90
N TYR A 771 25.88 -9.08 19.35
CA TYR A 771 25.03 -8.11 18.64
C TYR A 771 25.79 -6.84 18.29
N PHE A 772 26.41 -6.20 19.26
CA PHE A 772 27.02 -4.89 19.01
C PHE A 772 28.22 -4.98 18.07
N GLU A 773 28.94 -6.11 18.02
CA GLU A 773 29.93 -6.35 16.98
C GLU A 773 29.29 -6.38 15.58
N LEU A 774 28.21 -7.12 15.46
CA LEU A 774 27.46 -7.20 14.18
C LEU A 774 26.75 -5.93 13.81
N TYR A 775 26.32 -5.15 14.80
CA TYR A 775 25.79 -3.79 14.55
C TYR A 775 26.85 -2.93 13.83
N ASP A 776 28.09 -2.94 14.35
CA ASP A 776 29.20 -2.20 13.77
C ASP A 776 29.60 -2.71 12.40
N LYS A 777 29.76 -4.03 12.28
CA LYS A 777 30.05 -4.64 10.99
C LYS A 777 29.02 -4.32 9.88
N THR A 778 27.74 -4.54 10.18
CA THR A 778 26.67 -4.28 9.18
C THR A 778 26.46 -2.80 8.92
N TYR A 779 26.65 -1.98 9.94
CA TYR A 779 26.62 -0.51 9.68
C TYR A 779 27.69 -0.08 8.62
N LYS A 780 28.94 -0.55 8.78
CA LYS A 780 30.01 -0.27 7.85
C LYS A 780 29.66 -0.81 6.46
N LEU A 781 28.98 -1.97 6.39
CA LEU A 781 28.53 -2.46 5.09
C LEU A 781 27.39 -1.66 4.46
N SER A 782 26.60 -0.95 5.29
CA SER A 782 25.41 -0.25 4.79
C SER A 782 25.57 1.26 4.55
N LYS A 783 26.51 1.86 5.25
CA LYS A 783 26.52 3.33 5.39
C LYS A 783 26.72 4.16 4.11
N ASP A 784 27.29 3.57 3.04
CA ASP A 784 27.59 4.36 1.87
C ASP A 784 26.57 4.20 0.76
N ASP A 785 25.42 3.57 1.08
CA ASP A 785 24.28 3.42 0.17
C ASP A 785 23.10 3.86 0.99
N GLU A 786 22.43 4.88 0.50
CA GLU A 786 21.40 5.52 1.31
C GLU A 786 20.22 4.62 1.61
N LEU A 787 19.88 3.80 0.65
CA LEU A 787 18.76 2.84 0.81
C LEU A 787 19.12 1.61 1.69
N LEU A 788 20.35 1.13 1.49
CA LEU A 788 20.83 0.09 2.33
C LEU A 788 20.90 0.60 3.77
N LEU A 789 21.44 1.81 3.99
CA LEU A 789 21.48 2.37 5.34
C LEU A 789 20.09 2.43 6.00
N GLN A 790 19.12 2.79 5.16
CA GLN A 790 17.76 2.74 5.68
C GLN A 790 17.27 1.34 6.04
N GLU A 791 17.67 0.31 5.29
CA GLU A 791 17.35 -1.11 5.64
C GLU A 791 18.08 -1.51 6.94
N TRP A 792 19.33 -1.03 7.08
CA TRP A 792 20.05 -1.23 8.33
C TRP A 792 19.32 -0.58 9.51
N LEU A 793 18.85 0.66 9.36
CA LEU A 793 18.12 1.31 10.41
C LEU A 793 16.87 0.52 10.81
N LYS A 794 16.16 0.00 9.79
CA LYS A 794 14.97 -0.84 10.07
C LYS A 794 15.34 -2.07 10.89
N THR A 795 16.43 -2.68 10.47
CA THR A 795 16.94 -3.88 11.15
C THR A 795 17.24 -3.67 12.62
N VAL A 796 17.96 -2.56 12.92
CA VAL A 796 18.19 -2.19 14.31
C VAL A 796 16.91 -1.89 15.04
N SER A 797 16.02 -1.13 14.41
CA SER A 797 14.82 -0.69 15.05
C SER A 797 13.93 -1.92 15.50
N ARG A 798 13.96 -2.97 14.67
CA ARG A 798 13.10 -4.17 14.82
C ARG A 798 13.78 -5.20 15.73
N SER A 799 15.01 -4.94 16.14
CA SER A 799 15.76 -5.92 16.90
C SER A 799 15.17 -6.19 18.27
N ASP A 800 15.07 -7.47 18.64
CA ASP A 800 14.49 -7.87 19.89
C ASP A 800 15.51 -7.71 20.98
N ARG A 801 15.64 -6.46 21.41
CA ARG A 801 16.61 -6.06 22.38
C ARG A 801 15.92 -5.51 23.59
N LYS A 802 16.46 -5.87 24.77
CA LYS A 802 15.99 -5.41 26.06
C LYS A 802 16.28 -3.88 26.20
N ASP A 803 17.44 -3.51 25.66
CA ASP A 803 17.93 -2.13 25.65
C ASP A 803 17.52 -1.34 24.39
N ILE A 804 16.42 -1.70 23.76
CA ILE A 804 16.02 -1.05 22.52
C ILE A 804 15.81 0.48 22.67
N TYR A 805 15.35 0.97 23.83
CA TYR A 805 15.19 2.44 23.97
C TYR A 805 16.54 3.14 23.94
N GLU A 806 17.54 2.55 24.55
CA GLU A 806 18.86 3.15 24.50
C GLU A 806 19.47 3.04 23.12
N ILE A 807 19.19 1.95 22.41
CA ILE A 807 19.61 1.79 21.03
C ILE A 807 18.91 2.82 20.09
N LEU A 808 17.62 3.13 20.33
CA LEU A 808 17.00 4.20 19.54
C LEU A 808 17.68 5.53 19.74
N LYS A 809 18.09 5.82 20.98
CA LYS A 809 18.75 7.10 21.27
C LYS A 809 20.04 7.16 20.52
N LYS A 810 20.77 6.05 20.49
CA LYS A 810 21.97 5.98 19.72
C LYS A 810 21.74 6.22 18.24
N LEU A 811 20.71 5.63 17.66
CA LEU A 811 20.41 5.95 16.27
C LEU A 811 20.12 7.43 16.04
N GLU A 812 19.35 8.02 16.97
CA GLU A 812 18.96 9.41 16.87
C GLU A 812 20.18 10.30 16.88
N ASN A 813 21.10 10.00 17.82
CA ASN A 813 22.31 10.79 17.97
C ASN A 813 23.34 10.59 16.94
N GLU A 814 23.51 9.36 16.42
CA GLU A 814 24.66 9.05 15.54
C GLU A 814 24.36 8.99 14.08
N VAL A 815 23.10 8.70 13.71
CA VAL A 815 22.78 8.38 12.33
C VAL A 815 21.63 9.24 11.82
N LEU A 816 20.48 9.19 12.49
CA LEU A 816 19.35 9.95 12.01
C LEU A 816 19.55 11.45 12.16
N LYS A 817 19.91 11.87 13.37
CA LYS A 817 20.16 13.29 13.66
C LYS A 817 18.98 14.13 13.15
N ASP A 818 19.25 15.15 12.34
CA ASP A 818 18.23 16.10 11.99
C ASP A 818 17.56 15.75 10.64
N SER A 819 17.62 14.49 10.18
CA SER A 819 17.21 14.23 8.84
C SER A 819 15.74 14.57 8.68
N LYS A 820 15.36 15.16 7.57
CA LYS A 820 13.90 15.35 7.27
C LYS A 820 13.43 14.35 6.19
N ASN A 821 14.28 13.41 5.84
CA ASN A 821 13.97 12.41 4.80
C ASN A 821 12.95 11.43 5.41
N PRO A 822 11.73 11.34 4.87
CA PRO A 822 10.75 10.38 5.45
C PRO A 822 11.22 8.96 5.53
N ASN A 823 12.11 8.53 4.60
CA ASN A 823 12.52 7.13 4.63
C ASN A 823 13.40 6.92 5.85
N ASP A 824 14.12 7.96 6.23
CA ASP A 824 14.98 7.81 7.43
C ASP A 824 14.14 7.75 8.70
N ILE A 825 13.20 8.68 8.82
CA ILE A 825 12.37 8.84 10.00
C ILE A 825 11.56 7.51 10.18
N ARG A 826 10.94 7.03 9.11
CA ARG A 826 10.12 5.86 9.11
C ARG A 826 10.91 4.60 9.47
N ALA A 827 12.12 4.56 9.01
CA ALA A 827 12.98 3.42 9.24
C ALA A 827 13.39 3.33 10.70
N VAL A 828 13.69 4.47 11.33
CA VAL A 828 14.09 4.43 12.78
C VAL A 828 12.92 4.02 13.67
N TYR A 829 11.68 4.46 13.41
CA TYR A 829 10.63 4.38 14.40
C TYR A 829 9.63 3.31 14.14
N LEU A 830 9.27 3.12 12.88
CA LEU A 830 8.11 2.26 12.62
C LEU A 830 8.35 0.79 13.04
N PRO A 831 9.56 0.22 12.75
CA PRO A 831 9.65 -1.20 13.13
C PRO A 831 9.58 -1.41 14.63
N PHE A 832 10.14 -0.49 15.39
CA PHE A 832 10.14 -0.47 16.84
C PHE A 832 8.73 -0.46 17.34
N THR A 833 7.85 0.24 16.64
CA THR A 833 6.47 0.28 17.14
C THR A 833 5.76 -1.05 17.05
N ASN A 834 6.30 -2.01 16.28
CA ASN A 834 5.78 -3.34 16.23
C ASN A 834 6.36 -4.29 17.29
N ASN A 835 7.28 -3.80 18.12
CA ASN A 835 7.81 -4.58 19.25
C ASN A 835 6.75 -4.61 20.35
N LEU A 836 6.01 -5.70 20.39
CA LEU A 836 4.85 -5.83 21.30
C LEU A 836 5.21 -5.59 22.69
N ARG A 837 6.34 -6.16 23.17
CA ARG A 837 6.66 -6.08 24.56
C ARG A 837 7.18 -4.72 24.96
N ARG A 838 7.98 -4.11 24.07
CA ARG A 838 8.65 -2.87 24.42
C ARG A 838 7.91 -1.58 24.03
N PHE A 839 7.43 -1.55 22.82
CA PHE A 839 6.57 -0.42 22.45
C PHE A 839 5.44 -0.10 23.40
N HIS A 840 4.78 -1.16 23.89
CA HIS A 840 3.64 -1.07 24.77
C HIS A 840 4.05 -1.18 26.25
N ASP A 841 5.33 -0.97 26.57
CA ASP A 841 5.73 -0.90 27.99
C ASP A 841 4.66 -0.12 28.79
N ILE A 842 4.21 -0.68 29.92
CA ILE A 842 3.11 -0.19 30.71
C ILE A 842 3.31 1.19 31.31
N SER A 843 4.55 1.65 31.35
CA SER A 843 4.84 3.01 31.65
C SER A 843 4.31 4.05 30.63
N GLY A 844 4.09 3.62 29.40
CA GLY A 844 3.69 4.54 28.34
C GLY A 844 4.85 5.24 27.66
N LYS A 845 6.07 4.88 28.03
CA LYS A 845 7.16 5.55 27.47
C LYS A 845 7.29 5.40 25.93
N GLY A 846 6.74 4.34 25.36
CA GLY A 846 6.81 4.11 23.97
C GLY A 846 5.90 5.03 23.26
N TYR A 847 4.72 5.09 23.84
CA TYR A 847 3.67 6.01 23.37
C TYR A 847 4.15 7.47 23.36
N LYS A 848 4.81 7.89 24.45
CA LYS A 848 5.33 9.27 24.58
C LYS A 848 6.37 9.48 23.54
N LEU A 849 7.29 8.55 23.38
CA LEU A 849 8.34 8.65 22.38
C LEU A 849 7.85 8.84 20.95
N ILE A 850 6.89 8.03 20.51
CA ILE A 850 6.38 8.13 19.15
C ILE A 850 5.54 9.38 18.98
N ALA A 851 4.68 9.73 19.96
CA ALA A 851 3.97 11.02 19.95
C ALA A 851 4.86 12.24 19.79
N GLU A 852 6.04 12.22 20.39
CA GLU A 852 6.98 13.33 20.33
C GLU A 852 7.52 13.40 18.93
N VAL A 853 7.78 12.25 18.31
CA VAL A 853 8.31 12.22 16.95
C VAL A 853 7.22 12.73 16.02
N ILE A 854 5.98 12.31 16.22
CA ILE A 854 4.85 12.74 15.37
C ILE A 854 4.77 14.27 15.44
N THR A 855 4.79 14.83 16.66
CA THR A 855 4.63 16.27 16.87
C THR A 855 5.78 17.03 16.16
N LYS A 856 6.99 16.54 16.34
CA LYS A 856 8.16 17.12 15.75
C LYS A 856 8.04 17.12 14.22
N THR A 857 7.59 16.01 13.70
CA THR A 857 7.54 15.81 12.27
C THR A 857 6.43 16.66 11.63
N ASP A 858 5.32 16.85 12.35
CA ASP A 858 4.13 17.59 11.83
C ASP A 858 4.47 19.06 11.50
N LYS A 859 5.52 19.55 12.14
CA LYS A 859 5.95 20.95 11.97
C LYS A 859 6.52 21.13 10.54
N PHE A 860 6.97 20.07 9.90
CA PHE A 860 7.51 20.21 8.53
C PHE A 860 6.90 19.29 7.48
N ASN A 861 6.31 18.18 7.90
CA ASN A 861 5.70 17.17 6.94
C ASN A 861 4.47 16.50 7.59
N PRO A 862 3.31 17.14 7.49
CA PRO A 862 2.10 16.58 8.06
C PRO A 862 1.74 15.19 7.55
N MET A 863 2.02 14.90 6.28
CA MET A 863 1.63 13.57 5.77
CA MET A 863 1.67 13.56 5.76
C MET A 863 2.42 12.51 6.48
N VAL A 864 3.74 12.70 6.61
CA VAL A 864 4.52 11.73 7.34
C VAL A 864 4.17 11.64 8.84
N ALA A 865 3.85 12.77 9.44
CA ALA A 865 3.35 12.74 10.80
C ALA A 865 2.14 11.87 10.99
N THR A 866 1.19 11.97 10.08
CA THR A 866 -0.01 11.14 10.21
C THR A 866 0.33 9.65 10.00
N GLN A 867 1.29 9.37 9.09
CA GLN A 867 1.78 8.00 8.90
C GLN A 867 2.36 7.36 10.20
N LEU A 868 3.13 8.15 10.94
CA LEU A 868 3.71 7.75 12.18
C LEU A 868 2.71 7.55 13.29
N CYS A 869 1.45 7.95 13.12
CA CYS A 869 0.37 7.67 14.10
C CYS A 869 -0.17 6.29 13.98
N GLU A 870 0.26 5.54 12.96
CA GLU A 870 -0.19 4.14 12.75
C GLU A 870 -0.35 3.30 14.03
N PRO A 871 0.61 3.27 14.95
CA PRO A 871 0.39 2.36 16.08
C PRO A 871 -0.75 2.75 17.03
N PHE A 872 -1.20 4.01 17.01
CA PHE A 872 -2.30 4.41 17.85
C PHE A 872 -3.65 4.00 17.25
N LYS A 873 -3.68 3.42 16.02
CA LYS A 873 -5.00 3.09 15.44
C LYS A 873 -5.76 2.02 16.24
N LEU A 874 -5.04 1.20 16.96
CA LEU A 874 -5.68 0.14 17.80
C LEU A 874 -5.93 0.54 19.29
N TRP A 875 -5.80 1.82 19.62
CA TRP A 875 -5.86 2.27 21.03
C TRP A 875 -7.12 1.71 21.75
N ASN A 876 -8.28 1.70 21.11
CA ASN A 876 -9.46 1.30 21.90
C ASN A 876 -9.69 -0.21 21.99
N LYS A 877 -8.71 -0.97 21.51
CA LYS A 877 -8.68 -2.43 21.56
C LYS A 877 -7.83 -2.89 22.71
N LEU A 878 -7.07 -1.98 23.31
CA LEU A 878 -6.16 -2.40 24.38
C LEU A 878 -6.85 -2.43 25.74
N ASP A 879 -6.10 -3.00 26.68
CA ASP A 879 -6.50 -2.97 28.10
C ASP A 879 -6.65 -1.58 28.59
N THR A 880 -7.42 -1.41 29.64
CA THR A 880 -7.93 -0.06 29.91
C THR A 880 -6.83 0.91 30.39
N LYS A 881 -5.70 0.43 30.94
CA LYS A 881 -4.60 1.28 31.23
C LYS A 881 -3.88 1.79 29.97
N ARG A 882 -3.59 0.87 29.08
CA ARG A 882 -2.98 1.25 27.81
C ARG A 882 -3.88 2.13 26.98
N GLN A 883 -5.17 1.89 27.01
CA GLN A 883 -6.12 2.76 26.34
C GLN A 883 -5.96 4.19 26.83
N GLU A 884 -5.93 4.37 28.17
CA GLU A 884 -5.78 5.67 28.79
C GLU A 884 -4.45 6.34 28.38
N LEU A 885 -3.39 5.55 28.48
CA LEU A 885 -2.06 6.10 28.16
C LEU A 885 -1.95 6.55 26.67
N MET A 886 -2.51 5.79 25.76
CA MET A 886 -2.53 6.22 24.34
C MET A 886 -3.37 7.46 24.12
N LEU A 887 -4.58 7.46 24.69
CA LEU A 887 -5.53 8.57 24.55
C LEU A 887 -4.90 9.84 25.13
N ASN A 888 -4.13 9.72 26.21
CA ASN A 888 -3.49 10.90 26.76
C ASN A 888 -2.48 11.46 25.82
N GLU A 889 -1.71 10.59 25.16
CA GLU A 889 -0.76 11.07 24.19
C GLU A 889 -1.44 11.69 22.97
N MET A 890 -2.57 11.12 22.53
CA MET A 890 -3.23 11.67 21.36
C MET A 890 -3.79 13.04 21.72
N ASN A 891 -4.31 13.16 22.92
CA ASN A 891 -4.90 14.42 23.33
C ASN A 891 -3.87 15.47 23.49
N THR A 892 -2.65 15.12 23.96
CA THR A 892 -1.55 16.04 24.00
C THR A 892 -1.09 16.51 22.59
N MET A 893 -1.03 15.61 21.64
CA MET A 893 -0.70 16.01 20.30
C MET A 893 -1.71 16.97 19.71
N LEU A 894 -2.98 16.71 19.99
CA LEU A 894 -4.08 17.58 19.52
C LEU A 894 -4.01 18.98 20.10
N GLN A 895 -3.31 19.10 21.21
CA GLN A 895 -3.11 20.39 21.90
C GLN A 895 -1.89 21.14 21.40
N GLU A 896 -1.06 20.61 20.51
CA GLU A 896 0.06 21.36 20.05
C GLU A 896 -0.38 22.59 19.19
N PRO A 897 0.23 23.76 19.48
CA PRO A 897 -0.14 24.87 18.61
C PRO A 897 0.31 24.68 17.19
N ASN A 898 -0.53 25.17 16.26
CA ASN A 898 -0.30 25.06 14.84
C ASN A 898 -0.18 23.61 14.34
N ILE A 899 -0.78 22.68 15.08
CA ILE A 899 -1.03 21.34 14.50
C ILE A 899 -1.62 21.43 13.12
N SER A 900 -1.15 20.58 12.22
CA SER A 900 -1.63 20.54 10.86
C SER A 900 -3.09 20.08 10.77
N ASN A 901 -3.76 20.49 9.69
CA ASN A 901 -5.11 19.98 9.50
C ASN A 901 -5.12 18.45 9.27
N ASN A 902 -4.07 17.91 8.63
CA ASN A 902 -3.89 16.46 8.38
C ASN A 902 -3.96 15.68 9.72
N LEU A 903 -3.10 16.15 10.63
CA LEU A 903 -2.94 15.44 11.87
C LEU A 903 -4.11 15.64 12.83
N LYS A 904 -4.62 16.87 12.89
CA LYS A 904 -5.79 17.18 13.68
C LYS A 904 -6.99 16.33 13.21
N GLU A 905 -7.33 16.35 11.92
CA GLU A 905 -8.43 15.56 11.35
C GLU A 905 -8.31 14.09 11.73
N TYR A 906 -7.13 13.57 11.51
CA TYR A 906 -6.82 12.17 11.78
C TYR A 906 -7.09 11.86 13.26
N LEU A 907 -6.49 12.61 14.16
CA LEU A 907 -6.62 12.31 15.60
C LEU A 907 -8.04 12.53 16.15
N LEU A 908 -8.72 13.52 15.61
CA LEU A 908 -10.10 13.74 15.99
C LEU A 908 -10.96 12.58 15.61
N ARG A 909 -10.78 12.04 14.41
CA ARG A 909 -11.57 10.86 13.98
C ARG A 909 -11.19 9.64 14.78
N LEU A 910 -9.89 9.43 15.01
CA LEU A 910 -9.43 8.25 15.72
C LEU A 910 -9.93 8.18 17.15
N THR A 911 -10.07 9.35 17.79
CA THR A 911 -10.44 9.49 19.19
C THR A 911 -11.94 9.68 19.38
N ASN A 912 -12.72 9.58 18.31
CA ASN A 912 -14.15 9.58 18.38
C ASN A 912 -14.70 10.97 18.60
N LYS A 913 -14.00 12.04 18.18
CA LYS A 913 -14.61 13.39 18.22
C LYS A 913 -15.19 13.87 16.84
N LEU A 914 -14.77 13.23 15.73
CA LEU A 914 -15.06 13.70 14.35
C LEU A 914 -15.56 12.56 13.52
ZN ZN B . -1.87 4.29 -7.21
MG MG C . 19.88 11.41 3.06
C5 BB2 D . 0.82 5.40 -4.13
C3 BB2 D . 0.00 5.31 -5.33
O4 BB2 D . -1.17 4.96 -5.25
N1 BB2 D . 0.65 5.65 -6.51
O2 BB2 D . -0.13 5.58 -7.66
C6 BB2 D . 1.11 4.01 -3.61
C12 BB2 D . 1.52 4.14 -2.17
O13 BB2 D . 2.50 4.74 -1.80
C7 BB2 D . 2.36 3.47 -4.31
C8 BB2 D . 2.79 2.07 -3.94
C9 BB2 D . 1.95 1.05 -4.72
C10 BB2 D . 0.88 0.41 -3.86
C11 BB2 D . 1.42 -0.30 -2.63
N14 BB2 D . 0.82 3.45 -1.25
C15 BB2 D . 1.11 3.42 0.15
C16 BB2 D . 0.40 2.21 0.75
C18 BB2 D . -1.10 2.52 0.56
C17 BB2 D . 0.72 2.09 2.26
C19 BB2 D . 2.62 3.17 0.28
O20 BB2 D . 3.16 2.26 -0.34
N21 BB2 D . 3.29 3.87 1.27
C22 BB2 D . 4.78 3.61 1.41
C23 BB2 D . 2.97 5.21 1.85
C24 BB2 D . 4.23 5.57 2.64
C25 BB2 D . 5.39 4.86 1.98
C26 BB2 D . 5.12 2.44 2.32
O27 BB2 D . 6.28 2.40 2.88
C1 GOL E . 11.14 -16.77 18.27
O1 GOL E . 10.34 -17.86 18.69
C2 GOL E . 10.46 -16.01 17.17
O2 GOL E . 9.47 -15.15 17.71
C3 GOL E . 11.49 -15.25 16.38
O3 GOL E . 12.26 -14.46 17.29
#